data_7ETW
#
_entry.id   7ETW
#
_cell.length_a   1.00
_cell.length_b   1.00
_cell.length_c   1.00
_cell.angle_alpha   90.00
_cell.angle_beta   90.00
_cell.angle_gamma   90.00
#
_symmetry.space_group_name_H-M   'P 1'
#
loop_
_entity.id
_entity.type
_entity.pdbx_description
1 polymer 'Insulin-induced gene 2 protein'
2 polymer 'Sterol regulatory element-binding protein cleavage-activating protein'
3 branched 2-acetamido-2-deoxy-beta-D-glucopyranose-(1-4)-2-acetamido-2-deoxy-beta-D-glucopyranose
4 non-polymer Digitonin
#
loop_
_entity_poly.entity_id
_entity_poly.type
_entity_poly.pdbx_seq_one_letter_code
_entity_poly.pdbx_strand_id
1 'polypeptide(L)'
;MAEGETESPGPKKSGPYISSVTSQSVNLMIRGVVLFFIGVFLALVLNLLQIQRNVTLFPPDVIASIFSSAWWVPPCCGTA
SAVIGLLYPSIDRHLGEPHKFKREWSSVMRCVAVFVGINHASAKVDFDNNIQLSLTLAALSIGLWWTFDRSRSGFGLGVG
IAFLATVVTQLLVYNGVYQYTSPDFLYVRSWLPCIFFAGGITMGNIGRQLAMYESKVIAEKSHQE
;
A
2 'polypeptide(L)'
;MTLTERLREKISRAFYNHGLLCASYPIPIILFTGFCILACCYPLLKLPLPGTGPVEFTTPVKDYSPPPVDSDRKQGEPTE
QPEWYVGAPVAYVQQIFVKSSVFPWHKNLLAVDVFRSPLSRAFQLVEEIRNHVLRDSSGIRSLEELCLQVTDLLPGLRKL
RNLLPEHGCLLLSPGNFWQNDWERFHADPDIIGTIHQHEPKTLQTSATLKDLLFGVPGKYSGVSLYTRKRMVSYTITLVF
QHYHAKFLGSLRARLMLLHPSPNCSLRAESLVHVHFKEEIGVAELIPLVTTYIILFAYIYFSTRKIDMVKSKWGLALAAV
VTVLSSLLMSVGLCTLFGLTPTLNGGEIFPYLVVVIGLENVLVLTKSVVSTPVDLEVKLRIAQGLSSESWSIMKNMATEL
GIILIGYFTLVPAIQEFCLFAVVGLVSDFFLQMLFFTTVLSIDIRRMELADLNKRLPPEACLPSAKPVGQPTRYERQLAV
RPSTPHTITLQPSSFRNLRLPKRLRVVYFLARTRLAQRLIMAGTVVWIGILVYTDPAGLRNYLAAQVTEQSPLGEGALAP
MPVPSGMLPPSHPDPAFSIFPPDAPKLPENQTSPGESPERGGPAEVVHDSPVPEVTWGPEDEELWRKLSFRHWPTLFSYY
NITLAKRYISLLPVIPVTLRLNPREALEGRHPQDGRSAWPPPGPIPAGHWEAGPKGPGGVQAHGDVTLYKVAALGLATGI
VLVLLLLCLYRVLCP
;
B
#
# COMPACT_ATOMS: atom_id res chain seq x y z
N ILE A 18 48.93 0.62 -20.93
CA ILE A 18 47.77 1.51 -20.89
C ILE A 18 46.54 0.72 -20.44
N SER A 19 46.61 -0.61 -20.57
CA SER A 19 45.49 -1.46 -20.17
C SER A 19 45.19 -1.35 -18.68
N SER A 20 46.16 -0.95 -17.86
CA SER A 20 45.97 -0.89 -16.43
C SER A 20 45.16 0.34 -16.01
N VAL A 21 45.58 1.52 -16.49
CA VAL A 21 44.83 2.73 -16.15
C VAL A 21 43.46 2.70 -16.79
N THR A 22 43.32 2.02 -17.93
CA THR A 22 41.99 1.87 -18.52
C THR A 22 41.12 0.94 -17.68
N SER A 23 41.69 -0.12 -17.10
CA SER A 23 40.94 -0.95 -16.17
C SER A 23 40.56 -0.14 -14.93
N GLN A 24 41.42 0.79 -14.53
CA GLN A 24 41.07 1.69 -13.43
C GLN A 24 39.85 2.54 -13.80
N SER A 25 39.92 3.25 -14.92
CA SER A 25 38.78 4.02 -15.39
C SER A 25 37.54 3.13 -15.49
N VAL A 26 37.73 1.87 -15.90
CA VAL A 26 36.63 0.93 -15.90
C VAL A 26 36.01 0.88 -14.51
N ASN A 27 36.76 0.36 -13.54
CA ASN A 27 36.23 0.28 -12.18
C ASN A 27 35.51 1.57 -11.79
N LEU A 28 36.08 2.71 -12.19
CA LEU A 28 35.60 3.99 -11.70
C LEU A 28 34.21 4.28 -12.23
N MET A 29 34.04 4.34 -13.55
CA MET A 29 32.72 4.65 -14.08
C MET A 29 31.78 3.44 -14.04
N ILE A 30 32.34 2.23 -13.91
CA ILE A 30 31.54 1.06 -13.61
C ILE A 30 30.72 1.28 -12.35
N ARG A 31 31.41 1.55 -11.24
CA ARG A 31 30.70 1.79 -9.99
C ARG A 31 29.69 2.91 -10.14
N GLY A 32 30.00 3.90 -10.99
CA GLY A 32 29.09 5.00 -11.20
C GLY A 32 27.80 4.59 -11.86
N VAL A 33 27.90 3.84 -12.96
CA VAL A 33 26.70 3.30 -13.60
C VAL A 33 25.94 2.41 -12.64
N VAL A 34 26.67 1.61 -11.87
CA VAL A 34 26.05 0.71 -10.92
C VAL A 34 25.11 1.48 -10.00
N LEU A 35 25.66 2.44 -9.27
CA LEU A 35 24.84 3.20 -8.33
C LEU A 35 23.93 4.18 -9.02
N PHE A 36 24.16 4.48 -10.29
CA PHE A 36 23.19 5.24 -11.08
C PHE A 36 21.88 4.48 -11.19
N PHE A 37 21.96 3.23 -11.63
CA PHE A 37 20.79 2.37 -11.59
C PHE A 37 20.13 2.38 -10.22
N ILE A 38 20.94 2.47 -9.16
CA ILE A 38 20.42 2.41 -7.80
C ILE A 38 19.62 3.66 -7.47
N GLY A 39 20.24 4.82 -7.64
CA GLY A 39 19.53 6.08 -7.48
C GLY A 39 18.22 6.10 -8.25
N VAL A 40 18.23 5.57 -9.48
CA VAL A 40 16.99 5.50 -10.23
C VAL A 40 15.97 4.65 -9.49
N PHE A 41 16.29 3.37 -9.28
CA PHE A 41 15.41 2.48 -8.54
C PHE A 41 14.77 3.19 -7.35
N LEU A 42 15.60 3.85 -6.54
CA LEU A 42 15.08 4.57 -5.39
C LEU A 42 14.06 5.61 -5.80
N ALA A 43 14.45 6.58 -6.63
CA ALA A 43 13.54 7.67 -6.97
C ALA A 43 12.22 7.15 -7.48
N LEU A 44 12.25 6.15 -8.36
CA LEU A 44 11.02 5.51 -8.78
C LEU A 44 10.19 5.08 -7.58
N VAL A 45 10.74 4.20 -6.75
CA VAL A 45 9.97 3.65 -5.64
C VAL A 45 9.43 4.76 -4.77
N LEU A 46 10.18 5.86 -4.66
CA LEU A 46 9.89 6.83 -3.62
C LEU A 46 8.87 7.85 -4.09
N ASN A 47 8.97 8.30 -5.32
CA ASN A 47 7.84 8.99 -5.93
C ASN A 47 6.58 8.16 -5.81
N LEU A 48 6.65 6.87 -6.12
CA LEU A 48 5.45 6.04 -6.06
C LEU A 48 4.89 5.93 -4.65
N LEU A 49 5.67 6.29 -3.63
CA LEU A 49 5.21 6.06 -2.26
C LEU A 49 3.95 6.87 -1.96
N GLN A 50 4.01 8.20 -2.11
CA GLN A 50 2.84 9.02 -1.87
C GLN A 50 1.70 8.61 -2.80
N ILE A 51 0.57 8.23 -2.23
CA ILE A 51 -0.54 7.70 -3.02
C ILE A 51 -1.63 8.69 -3.40
N GLN A 52 -1.48 9.31 -4.58
CA GLN A 52 -2.49 10.25 -5.05
C GLN A 52 -3.73 9.51 -5.52
N ARG A 53 -4.89 10.12 -5.31
CA ARG A 53 -6.18 9.56 -5.73
C ARG A 53 -6.59 10.29 -7.02
N ASN A 54 -6.15 9.75 -8.15
CA ASN A 54 -6.51 10.35 -9.44
C ASN A 54 -7.70 9.63 -10.06
N VAL A 55 -8.90 10.09 -9.74
CA VAL A 55 -10.15 9.43 -10.14
C VAL A 55 -10.38 9.53 -11.64
N THR A 56 -9.68 10.43 -12.32
CA THR A 56 -10.06 10.92 -13.63
C THR A 56 -10.40 9.80 -14.60
N LEU A 57 -11.26 10.13 -15.55
CA LEU A 57 -11.58 9.23 -16.65
C LEU A 57 -10.31 8.81 -17.38
N PHE A 58 -10.42 7.75 -18.18
CA PHE A 58 -9.23 7.16 -18.78
C PHE A 58 -8.23 6.87 -17.68
N PRO A 59 -8.58 6.02 -16.72
CA PRO A 59 -7.71 5.77 -15.58
C PRO A 59 -6.33 5.34 -16.04
N PRO A 60 -5.35 5.37 -15.15
CA PRO A 60 -3.96 5.14 -15.55
C PRO A 60 -3.65 3.66 -15.74
N ASP A 61 -2.91 3.38 -16.80
CA ASP A 61 -2.37 2.06 -17.02
C ASP A 61 -1.27 1.77 -16.01
N VAL A 62 -1.06 0.48 -15.73
CA VAL A 62 -0.21 0.10 -14.61
C VAL A 62 1.18 0.72 -14.73
N ILE A 63 1.90 0.45 -15.82
CA ILE A 63 3.26 0.93 -15.94
C ILE A 63 3.32 2.46 -15.86
N ALA A 64 2.26 3.14 -16.31
CA ALA A 64 2.26 4.60 -16.25
C ALA A 64 2.15 5.08 -14.81
N SER A 65 1.49 4.26 -13.97
CA SER A 65 1.37 4.56 -12.53
C SER A 65 2.74 4.40 -11.87
N ILE A 66 3.59 3.51 -12.43
CA ILE A 66 4.93 3.30 -11.91
C ILE A 66 5.91 4.25 -12.56
N PHE A 67 6.05 4.18 -13.87
CA PHE A 67 6.89 5.09 -14.63
C PHE A 67 6.17 6.43 -14.76
N SER A 68 6.13 7.16 -13.64
CA SER A 68 5.44 8.48 -13.58
C SER A 68 6.36 9.58 -14.13
N SER A 69 5.89 10.84 -14.08
CA SER A 69 6.67 11.99 -14.58
C SER A 69 7.14 11.71 -16.01
N ALA A 70 8.45 11.81 -16.25
CA ALA A 70 9.04 11.56 -17.59
C ALA A 70 10.53 11.25 -17.46
N TRP A 71 11.25 11.21 -18.59
CA TRP A 71 12.68 10.93 -18.59
C TRP A 71 13.49 12.02 -17.90
N TRP A 72 12.87 13.13 -17.54
CA TRP A 72 13.52 14.23 -16.85
C TRP A 72 14.05 13.83 -15.48
N VAL A 73 13.29 13.05 -14.71
CA VAL A 73 13.56 12.84 -13.29
C VAL A 73 14.68 11.82 -13.01
N PRO A 74 14.54 10.57 -13.43
CA PRO A 74 15.40 9.52 -12.88
C PRO A 74 16.85 9.65 -13.33
N PRO A 75 17.09 9.99 -14.60
CA PRO A 75 18.48 10.22 -15.02
C PRO A 75 19.16 11.26 -14.17
N CYS A 76 18.49 12.39 -13.89
CA CYS A 76 19.09 13.40 -13.03
C CYS A 76 19.31 12.87 -11.62
N CYS A 77 18.33 12.17 -11.05
CA CYS A 77 18.48 11.68 -9.69
C CYS A 77 19.72 10.81 -9.57
N GLY A 78 19.86 9.85 -10.50
CA GLY A 78 21.00 8.96 -10.46
C GLY A 78 22.30 9.62 -10.82
N THR A 79 22.28 10.59 -11.72
CA THR A 79 23.47 11.39 -11.97
C THR A 79 23.98 12.01 -10.68
N ALA A 80 23.06 12.50 -9.86
CA ALA A 80 23.46 13.02 -8.55
C ALA A 80 24.10 11.93 -7.71
N SER A 81 23.53 10.72 -7.71
CA SER A 81 24.10 9.62 -6.97
C SER A 81 25.53 9.32 -7.40
N ALA A 82 25.77 9.30 -8.71
CA ALA A 82 27.12 9.04 -9.20
C ALA A 82 28.08 10.13 -8.80
N VAL A 83 27.67 11.39 -8.97
CA VAL A 83 28.46 12.50 -8.46
C VAL A 83 28.86 12.24 -7.01
N ILE A 84 27.91 11.86 -6.17
CA ILE A 84 28.17 11.74 -4.74
C ILE A 84 29.13 10.58 -4.47
N GLY A 85 28.82 9.42 -5.06
CA GLY A 85 29.62 8.23 -4.82
C GLY A 85 31.04 8.34 -5.31
N LEU A 86 31.27 9.08 -6.39
CA LEU A 86 32.62 9.30 -6.87
C LEU A 86 33.28 10.51 -6.24
N LEU A 87 32.51 11.33 -5.52
CA LEU A 87 33.06 12.47 -4.83
C LEU A 87 33.57 12.13 -3.45
N TYR A 88 32.72 11.55 -2.60
CA TYR A 88 33.10 11.41 -1.19
C TYR A 88 34.35 10.57 -0.98
N PRO A 89 34.58 9.48 -1.71
CA PRO A 89 35.81 8.71 -1.48
C PRO A 89 37.08 9.40 -1.98
N SER A 90 37.05 10.01 -3.17
CA SER A 90 38.23 10.61 -3.74
C SER A 90 38.71 11.80 -2.93
N ILE A 91 37.77 12.55 -2.34
CA ILE A 91 38.19 13.70 -1.54
C ILE A 91 39.08 13.26 -0.39
N ASP A 92 38.70 12.18 0.30
CA ASP A 92 39.54 11.68 1.38
C ASP A 92 40.74 10.91 0.85
N ARG A 93 40.68 10.46 -0.41
CA ARG A 93 41.87 9.90 -1.04
C ARG A 93 42.92 10.98 -1.26
N HIS A 94 42.48 12.19 -1.59
CA HIS A 94 43.39 13.28 -1.94
C HIS A 94 43.77 14.14 -0.75
N LEU A 95 42.92 14.21 0.28
CA LEU A 95 43.18 15.07 1.44
C LEU A 95 43.86 14.28 2.56
N GLY A 96 43.21 13.23 3.03
CA GLY A 96 43.70 12.47 4.15
C GLY A 96 43.65 10.97 3.91
N GLU A 97 43.18 10.23 4.91
CA GLU A 97 43.16 8.78 4.85
C GLU A 97 41.74 8.29 4.61
N PRO A 98 41.58 7.16 3.91
CA PRO A 98 40.24 6.64 3.67
C PRO A 98 39.54 6.30 4.98
N HIS A 99 38.27 5.92 4.87
CA HIS A 99 37.42 5.79 6.02
C HIS A 99 37.38 4.37 6.55
N LYS A 100 37.33 4.22 7.86
CA LYS A 100 37.12 2.93 8.50
C LYS A 100 36.46 3.16 9.86
N PHE A 101 35.13 3.12 9.90
CA PHE A 101 34.42 3.16 11.18
C PHE A 101 33.49 1.98 11.36
N LYS A 102 32.62 1.76 10.38
CA LYS A 102 31.60 0.71 10.39
C LYS A 102 31.50 0.08 9.02
N ARG A 103 32.54 0.27 8.23
CA ARG A 103 32.45 0.15 6.77
C ARG A 103 32.36 -1.31 6.37
N GLU A 104 31.20 -1.90 6.62
CA GLU A 104 30.84 -3.20 6.04
C GLU A 104 29.38 -3.12 5.62
N TRP A 105 29.08 -3.77 4.49
CA TRP A 105 27.82 -3.52 3.79
C TRP A 105 26.63 -3.39 4.74
N SER A 106 26.60 -4.17 5.81
CA SER A 106 25.43 -4.21 6.68
C SER A 106 25.03 -2.81 7.15
N SER A 107 25.99 -2.03 7.62
CA SER A 107 25.67 -0.69 8.10
C SER A 107 25.21 0.21 6.97
N VAL A 108 25.77 0.01 5.77
CA VAL A 108 25.28 0.70 4.59
C VAL A 108 23.80 0.41 4.39
N MET A 109 23.42 -0.85 4.48
CA MET A 109 22.02 -1.21 4.30
C MET A 109 21.14 -0.60 5.38
N ARG A 110 21.64 -0.54 6.61
CA ARG A 110 20.90 0.14 7.67
C ARG A 110 20.66 1.60 7.32
N CYS A 111 21.71 2.29 6.88
CA CYS A 111 21.55 3.68 6.47
C CYS A 111 20.51 3.81 5.36
N VAL A 112 20.57 2.94 4.36
CA VAL A 112 19.60 3.01 3.28
C VAL A 112 18.19 2.82 3.79
N ALA A 113 17.98 1.81 4.63
CA ALA A 113 16.65 1.56 5.16
C ALA A 113 16.14 2.77 5.93
N VAL A 114 17.00 3.41 6.70
CA VAL A 114 16.57 4.61 7.42
C VAL A 114 16.23 5.72 6.45
N PHE A 115 17.07 5.94 5.45
CA PHE A 115 16.76 6.92 4.41
C PHE A 115 15.40 6.65 3.79
N VAL A 116 15.04 5.39 3.66
CA VAL A 116 13.73 5.06 3.13
C VAL A 116 12.64 5.40 4.13
N GLY A 117 12.84 5.01 5.37
CA GLY A 117 11.82 5.16 6.39
C GLY A 117 11.47 6.61 6.61
N ILE A 118 12.50 7.44 6.73
CA ILE A 118 12.28 8.86 6.93
C ILE A 118 11.40 9.42 5.80
N ASN A 119 11.82 9.25 4.55
CA ASN A 119 11.01 9.69 3.43
C ASN A 119 9.60 9.11 3.49
N HIS A 120 9.45 7.91 4.04
CA HIS A 120 8.11 7.37 4.27
C HIS A 120 7.40 8.13 5.39
N ALA A 121 8.16 8.75 6.27
CA ALA A 121 7.63 9.67 7.26
C ALA A 121 7.49 11.08 6.72
N SER A 122 7.76 11.28 5.44
CA SER A 122 7.76 12.60 4.83
C SER A 122 6.37 13.19 4.67
N ALA A 123 5.35 12.35 4.62
CA ALA A 123 4.02 12.81 4.27
C ALA A 123 2.99 12.40 5.31
N LYS A 124 3.20 11.25 5.94
CA LYS A 124 2.19 10.63 6.78
C LYS A 124 2.27 11.10 8.23
N VAL A 125 2.82 12.29 8.47
CA VAL A 125 2.78 12.92 9.77
C VAL A 125 2.13 14.29 9.62
N ASP A 126 1.78 14.90 10.75
CA ASP A 126 1.25 16.26 10.78
C ASP A 126 1.67 16.86 12.11
N PHE A 127 2.49 17.90 12.07
CA PHE A 127 3.15 18.38 13.28
C PHE A 127 2.31 19.42 14.00
N ASP A 128 2.65 19.60 15.27
CA ASP A 128 2.03 20.62 16.10
C ASP A 128 2.67 21.98 15.87
N ASN A 129 3.97 22.08 16.12
CA ASN A 129 4.67 23.35 16.10
C ASN A 129 6.10 23.19 15.60
N ASN A 130 6.64 24.29 15.08
CA ASN A 130 7.97 24.28 14.49
C ASN A 130 9.02 23.80 15.47
N ILE A 131 8.82 24.05 16.77
CA ILE A 131 9.85 23.70 17.75
C ILE A 131 10.02 22.20 17.81
N GLN A 132 8.91 21.47 17.64
CA GLN A 132 8.93 19.99 17.65
C GLN A 132 9.74 19.48 16.44
N LEU A 133 9.62 20.17 15.30
CA LEU A 133 10.34 19.79 14.09
C LEU A 133 11.82 20.08 14.21
N SER A 134 12.18 21.27 14.68
CA SER A 134 13.58 21.54 14.95
C SER A 134 14.18 20.53 15.92
N LEU A 135 13.66 20.49 17.15
CA LEU A 135 14.17 19.62 18.21
C LEU A 135 14.37 18.19 17.74
N THR A 136 13.54 17.71 16.82
CA THR A 136 13.64 16.31 16.41
C THR A 136 14.51 16.12 15.16
N LEU A 137 14.36 16.97 14.15
CA LEU A 137 15.11 16.78 12.91
C LEU A 137 16.58 17.13 13.08
N ALA A 138 16.88 18.20 13.82
CA ALA A 138 18.28 18.43 14.18
C ALA A 138 18.91 17.14 14.69
N ALA A 139 18.35 16.58 15.76
CA ALA A 139 18.88 15.35 16.34
C ALA A 139 18.93 14.22 15.31
N LEU A 140 17.91 14.10 14.47
CA LEU A 140 17.85 12.96 13.56
C LEU A 140 18.95 13.02 12.52
N SER A 141 19.02 14.12 11.79
CA SER A 141 20.11 14.33 10.85
C SER A 141 21.45 14.14 11.53
N ILE A 142 21.68 14.85 12.65
CA ILE A 142 22.94 14.72 13.35
C ILE A 142 23.27 13.26 13.63
N GLY A 143 22.32 12.49 14.16
CA GLY A 143 22.58 11.10 14.43
C GLY A 143 22.99 10.33 13.20
N LEU A 144 22.30 10.58 12.08
CA LEU A 144 22.60 9.81 10.87
C LEU A 144 24.02 10.06 10.38
N TRP A 145 24.70 11.05 10.96
CA TRP A 145 26.12 11.21 10.76
C TRP A 145 26.92 10.73 11.96
N TRP A 146 26.28 10.68 13.12
CA TRP A 146 26.90 10.21 14.36
C TRP A 146 27.13 8.72 14.35
N THR A 147 26.64 8.01 13.34
CA THR A 147 26.50 6.56 13.39
C THR A 147 27.18 5.83 12.25
N PHE A 148 27.17 6.41 11.05
CA PHE A 148 27.68 5.73 9.87
C PHE A 148 28.89 6.41 9.24
N ASP A 149 29.17 7.66 9.63
CA ASP A 149 30.34 8.36 9.16
C ASP A 149 30.63 9.50 10.13
N ARG A 150 31.73 9.41 10.86
CA ARG A 150 32.12 10.49 11.75
C ARG A 150 33.01 11.51 11.04
N SER A 151 33.29 11.31 9.76
CA SER A 151 34.09 12.28 9.01
C SER A 151 33.42 13.65 9.04
N ARG A 152 34.19 14.66 9.43
CA ARG A 152 33.71 16.03 9.31
C ARG A 152 33.57 16.44 7.85
N SER A 153 34.37 15.86 6.96
CA SER A 153 34.31 16.20 5.55
C SER A 153 32.95 15.88 4.95
N GLY A 154 32.56 14.61 4.96
CA GLY A 154 31.27 14.23 4.42
C GLY A 154 30.14 14.98 5.06
N PHE A 155 30.25 15.28 6.35
CA PHE A 155 29.25 16.08 7.03
C PHE A 155 29.10 17.45 6.36
N GLY A 156 30.19 18.21 6.33
CA GLY A 156 30.13 19.55 5.78
C GLY A 156 29.87 19.57 4.29
N LEU A 157 29.97 18.42 3.63
CA LEU A 157 29.69 18.36 2.22
C LEU A 157 28.22 18.02 1.95
N GLY A 158 27.69 17.03 2.67
CA GLY A 158 26.29 16.73 2.57
C GLY A 158 25.42 17.91 2.96
N VAL A 159 25.75 18.56 4.07
CA VAL A 159 25.01 19.77 4.44
C VAL A 159 25.00 20.76 3.28
N GLY A 160 26.17 20.95 2.65
CA GLY A 160 26.25 21.92 1.57
C GLY A 160 25.35 21.56 0.41
N ILE A 161 25.47 20.32 -0.07
CA ILE A 161 24.70 19.95 -1.25
C ILE A 161 23.21 19.93 -0.95
N ALA A 162 22.83 19.66 0.30
CA ALA A 162 21.42 19.75 0.67
C ALA A 162 20.96 21.20 0.63
N PHE A 163 21.73 22.10 1.24
CA PHE A 163 21.49 23.53 1.08
C PHE A 163 21.21 23.89 -0.37
N LEU A 164 22.07 23.42 -1.28
CA LEU A 164 21.97 23.87 -2.66
C LEU A 164 20.80 23.22 -3.39
N ALA A 165 20.50 21.95 -3.07
CA ALA A 165 19.29 21.34 -3.61
C ALA A 165 18.05 22.11 -3.16
N THR A 166 18.00 22.47 -1.89
CA THR A 166 16.94 23.33 -1.40
C THR A 166 16.81 24.60 -2.22
N VAL A 167 17.90 25.33 -2.42
CA VAL A 167 17.81 26.61 -3.10
C VAL A 167 17.39 26.43 -4.56
N VAL A 168 18.03 25.49 -5.26
CA VAL A 168 17.69 25.25 -6.65
C VAL A 168 16.21 24.92 -6.77
N THR A 169 15.70 24.05 -5.90
CA THR A 169 14.28 23.74 -5.93
C THR A 169 13.45 25.00 -5.70
N GLN A 170 13.76 25.73 -4.64
CA GLN A 170 12.98 26.87 -4.23
C GLN A 170 12.96 27.98 -5.27
N LEU A 171 13.92 27.99 -6.19
CA LEU A 171 13.94 29.04 -7.21
C LEU A 171 13.54 28.54 -8.58
N LEU A 172 13.62 27.23 -8.84
CA LEU A 172 13.21 26.74 -10.14
C LEU A 172 11.69 26.75 -10.28
N VAL A 173 10.99 26.27 -9.26
CA VAL A 173 9.54 26.27 -9.32
C VAL A 173 9.02 27.69 -9.45
N TYR A 174 9.83 28.68 -9.06
CA TYR A 174 9.47 30.07 -9.32
C TYR A 174 9.25 30.29 -10.82
N ASN A 175 9.97 29.54 -11.66
CA ASN A 175 9.58 29.40 -13.06
C ASN A 175 8.52 28.32 -13.20
N GLY A 176 8.76 27.18 -12.55
CA GLY A 176 7.76 26.16 -12.36
C GLY A 176 8.15 24.79 -12.90
N VAL A 177 8.40 23.88 -11.96
CA VAL A 177 8.49 22.45 -12.22
C VAL A 177 7.62 21.77 -11.18
N TYR A 178 7.84 22.12 -9.91
CA TYR A 178 7.11 21.53 -8.81
C TYR A 178 5.60 21.67 -9.00
N GLN A 179 5.13 22.91 -9.19
CA GLN A 179 3.71 23.19 -9.34
C GLN A 179 2.91 22.91 -8.08
N TYR A 180 3.29 23.55 -6.97
CA TYR A 180 2.40 23.69 -5.82
C TYR A 180 2.62 25.07 -5.21
N THR A 181 1.54 25.71 -4.76
CA THR A 181 1.62 27.07 -4.24
C THR A 181 0.56 27.26 -3.19
N SER A 182 0.95 27.25 -1.93
CA SER A 182 0.00 27.36 -0.83
C SER A 182 0.71 27.65 0.48
N PRO A 183 -0.03 27.83 1.58
CA PRO A 183 0.61 28.00 2.88
C PRO A 183 1.59 26.89 3.24
N ASP A 184 1.56 25.76 2.53
CA ASP A 184 2.50 24.67 2.73
C ASP A 184 3.91 25.00 2.25
N PHE A 185 4.15 26.25 1.86
CA PHE A 185 5.47 26.67 1.38
C PHE A 185 6.57 26.39 2.38
N LEU A 186 6.23 26.01 3.60
CA LEU A 186 7.21 25.73 4.63
C LEU A 186 7.70 24.29 4.61
N TYR A 187 6.90 23.36 4.10
CA TYR A 187 7.35 21.98 3.95
C TYR A 187 8.77 21.94 3.39
N VAL A 188 8.97 22.55 2.21
CA VAL A 188 10.27 22.59 1.59
C VAL A 188 11.29 23.24 2.53
N ARG A 189 10.94 24.36 3.13
CA ARG A 189 11.86 25.12 3.98
C ARG A 189 12.14 24.40 5.29
N SER A 190 11.58 23.21 5.51
CA SER A 190 11.72 22.55 6.80
C SER A 190 12.09 21.08 6.68
N TRP A 191 11.71 20.43 5.58
CA TRP A 191 11.70 18.98 5.58
C TRP A 191 12.66 18.37 4.56
N LEU A 192 12.62 18.86 3.32
CA LEU A 192 13.38 18.23 2.25
C LEU A 192 14.89 18.26 2.47
N PRO A 193 15.50 19.38 2.85
CA PRO A 193 16.96 19.38 3.07
C PRO A 193 17.42 18.24 3.95
N CYS A 194 16.64 17.85 4.94
CA CYS A 194 16.97 16.65 5.71
C CYS A 194 17.06 15.43 4.81
N ILE A 195 16.09 15.28 3.91
CA ILE A 195 16.13 14.17 2.97
C ILE A 195 17.44 14.16 2.21
N PHE A 196 17.76 15.28 1.56
CA PHE A 196 18.95 15.28 0.69
C PHE A 196 20.23 15.14 1.49
N PHE A 197 20.27 15.74 2.69
CA PHE A 197 21.34 15.47 3.63
C PHE A 197 21.53 13.97 3.82
N ALA A 198 20.47 13.27 4.23
CA ALA A 198 20.55 11.83 4.40
C ALA A 198 21.03 11.14 3.14
N GLY A 199 20.56 11.61 1.99
CA GLY A 199 20.90 10.94 0.75
C GLY A 199 22.37 11.05 0.41
N GLY A 200 22.94 12.23 0.59
CA GLY A 200 24.37 12.39 0.37
C GLY A 200 25.18 11.44 1.23
N ILE A 201 24.83 11.34 2.51
CA ILE A 201 25.58 10.49 3.43
C ILE A 201 25.44 9.03 3.04
N THR A 202 24.22 8.58 2.80
CA THR A 202 24.02 7.20 2.34
C THR A 202 24.86 6.92 1.11
N MET A 203 24.70 7.72 0.07
CA MET A 203 25.43 7.49 -1.16
C MET A 203 26.93 7.50 -0.92
N GLY A 204 27.39 8.31 0.03
CA GLY A 204 28.80 8.31 0.37
C GLY A 204 29.24 6.97 0.93
N ASN A 205 28.48 6.44 1.89
CA ASN A 205 28.85 5.16 2.44
C ASN A 205 28.80 4.08 1.38
N ILE A 206 27.85 4.21 0.44
CA ILE A 206 27.80 3.33 -0.72
C ILE A 206 29.11 3.40 -1.49
N GLY A 207 29.50 4.61 -1.88
CA GLY A 207 30.72 4.77 -2.65
C GLY A 207 31.93 4.20 -1.95
N ARG A 208 32.02 4.42 -0.65
CA ARG A 208 33.14 3.86 0.11
C ARG A 208 33.12 2.34 0.06
N GLN A 209 32.04 1.73 0.55
CA GLN A 209 31.95 0.28 0.57
C GLN A 209 32.15 -0.34 -0.80
N LEU A 210 31.90 0.42 -1.85
CA LEU A 210 32.00 -0.12 -3.20
C LEU A 210 33.37 0.06 -3.80
N ALA A 211 34.02 1.19 -3.50
CA ALA A 211 35.35 1.45 -4.04
C ALA A 211 36.43 0.70 -3.28
N MET A 212 36.27 0.51 -1.97
CA MET A 212 37.28 -0.20 -1.22
C MET A 212 37.17 -1.70 -1.36
N TYR A 213 36.40 -2.18 -2.35
CA TYR A 213 36.48 -3.58 -2.73
C TYR A 213 37.88 -3.91 -3.27
N GLU A 214 38.42 -3.04 -4.13
CA GLU A 214 39.77 -3.20 -4.64
C GLU A 214 40.41 -1.84 -4.91
N LYS B 10 32.41 -5.61 39.53
CA LYS B 10 31.26 -5.28 40.37
C LYS B 10 30.06 -6.13 39.97
N ILE B 11 29.91 -6.33 38.66
CA ILE B 11 28.73 -6.99 38.11
C ILE B 11 29.09 -8.21 37.28
N SER B 12 30.32 -8.30 36.77
CA SER B 12 30.69 -9.45 35.93
C SER B 12 30.49 -10.75 36.67
N ARG B 13 30.47 -10.71 38.01
CA ARG B 13 30.10 -11.90 38.78
C ARG B 13 28.67 -12.34 38.47
N ALA B 14 27.78 -11.38 38.22
CA ALA B 14 26.40 -11.73 37.90
C ALA B 14 26.34 -12.55 36.62
N PHE B 15 26.81 -11.99 35.52
CA PHE B 15 26.81 -12.74 34.26
C PHE B 15 27.64 -14.00 34.37
N TYR B 16 28.66 -13.99 35.23
CA TYR B 16 29.43 -15.20 35.49
C TYR B 16 28.54 -16.31 36.00
N ASN B 17 27.84 -16.07 37.11
CA ASN B 17 26.88 -17.04 37.61
C ASN B 17 25.76 -17.33 36.61
N HIS B 18 25.47 -16.39 35.71
CA HIS B 18 24.43 -16.62 34.72
C HIS B 18 24.82 -17.73 33.77
N GLY B 19 26.09 -17.78 33.37
CA GLY B 19 26.56 -18.88 32.57
C GLY B 19 26.56 -20.19 33.33
N LEU B 20 26.80 -20.12 34.64
CA LEU B 20 26.68 -21.31 35.47
C LEU B 20 25.25 -21.82 35.48
N LEU B 21 24.29 -20.91 35.47
CA LEU B 21 22.88 -21.24 35.54
C LEU B 21 22.32 -21.78 34.23
N CYS B 22 22.68 -21.14 33.11
CA CYS B 22 22.12 -21.53 31.81
C CYS B 22 22.47 -22.97 31.48
N ALA B 23 23.76 -23.25 31.29
CA ALA B 23 24.18 -24.60 30.94
C ALA B 23 23.77 -25.62 31.99
N SER B 24 23.46 -25.17 33.21
CA SER B 24 22.96 -26.09 34.23
C SER B 24 21.51 -26.49 33.93
N TYR B 25 20.67 -25.49 33.65
CA TYR B 25 19.24 -25.71 33.37
C TYR B 25 18.93 -25.17 31.98
N PRO B 26 19.54 -25.73 30.93
CA PRO B 26 19.33 -25.21 29.58
C PRO B 26 17.93 -25.43 29.01
N ILE B 27 17.51 -26.68 29.03
CA ILE B 27 16.30 -27.07 28.29
C ILE B 27 15.06 -26.46 28.88
N PRO B 28 14.86 -26.39 30.20
CA PRO B 28 13.69 -25.70 30.74
C PRO B 28 13.60 -24.26 30.27
N ILE B 29 14.75 -23.59 30.18
CA ILE B 29 14.76 -22.22 29.66
C ILE B 29 14.33 -22.21 28.20
N ILE B 30 14.83 -23.17 27.42
CA ILE B 30 14.37 -23.29 26.04
C ILE B 30 12.85 -23.38 26.00
N LEU B 31 12.27 -24.17 26.90
CA LEU B 31 10.82 -24.36 26.88
C LEU B 31 10.11 -23.07 27.24
N PHE B 32 10.52 -22.43 28.34
CA PHE B 32 9.92 -21.16 28.73
C PHE B 32 9.91 -20.19 27.56
N THR B 33 11.06 -19.99 26.93
CA THR B 33 11.14 -18.99 25.87
C THR B 33 10.30 -19.38 24.67
N GLY B 34 10.38 -20.62 24.21
CA GLY B 34 9.61 -21.01 23.04
C GLY B 34 8.11 -20.88 23.27
N PHE B 35 7.65 -21.24 24.46
CA PHE B 35 6.22 -21.23 24.70
C PHE B 35 5.71 -19.81 24.94
N CYS B 36 6.53 -18.92 25.49
CA CYS B 36 6.12 -17.53 25.54
C CYS B 36 6.10 -16.91 24.15
N ILE B 37 7.06 -17.30 23.30
CA ILE B 37 7.00 -16.92 21.90
C ILE B 37 5.66 -17.31 21.29
N LEU B 38 5.24 -18.56 21.50
CA LEU B 38 3.97 -18.98 20.93
C LEU B 38 2.79 -18.27 21.58
N ALA B 39 2.93 -17.89 22.85
CA ALA B 39 1.87 -17.14 23.51
C ALA B 39 1.71 -15.74 22.92
N CYS B 40 2.78 -15.17 22.38
CA CYS B 40 2.68 -13.85 21.78
C CYS B 40 2.35 -13.89 20.30
N CYS B 41 2.82 -14.92 19.59
CA CYS B 41 2.56 -15.03 18.15
C CYS B 41 1.26 -15.78 17.87
N TYR B 42 0.40 -15.82 18.90
CA TYR B 42 -0.87 -16.52 18.86
C TYR B 42 -1.93 -15.73 18.10
N PRO B 43 -2.21 -14.48 18.50
CA PRO B 43 -3.39 -13.79 17.97
C PRO B 43 -3.19 -13.16 16.60
N LEU B 44 -2.01 -12.61 16.32
CA LEU B 44 -1.85 -11.69 15.20
C LEU B 44 -2.17 -12.32 13.86
N LEU B 45 -1.66 -13.52 13.59
CA LEU B 45 -1.79 -14.15 12.28
C LEU B 45 -3.20 -14.63 11.98
N LYS B 46 -4.07 -14.74 12.99
CA LYS B 46 -5.48 -15.01 12.79
C LYS B 46 -6.34 -13.80 13.15
N LEU B 47 -6.07 -13.18 14.29
CA LEU B 47 -6.75 -11.95 14.67
C LEU B 47 -6.02 -10.74 14.11
N VAL B 69 -21.80 -0.04 16.22
CA VAL B 69 -22.86 -1.04 16.57
C VAL B 69 -23.58 -1.47 15.29
N ASP B 70 -22.82 -1.92 14.28
CA ASP B 70 -23.41 -2.36 12.99
C ASP B 70 -23.59 -3.88 13.01
N SER B 71 -24.65 -4.38 12.37
CA SER B 71 -24.94 -5.83 12.31
C SER B 71 -24.00 -6.51 11.30
N ASP B 72 -24.19 -6.23 10.01
CA ASP B 72 -23.35 -6.82 8.94
C ASP B 72 -23.28 -5.85 7.76
N ARG B 73 -22.18 -5.09 7.66
CA ARG B 73 -21.99 -4.11 6.55
C ARG B 73 -21.98 -4.85 5.21
N LYS B 74 -21.48 -6.09 5.21
CA LYS B 74 -21.41 -6.89 3.98
C LYS B 74 -22.78 -7.31 3.45
N GLN B 75 -22.79 -8.03 2.33
CA GLN B 75 -24.02 -8.38 1.62
C GLN B 75 -24.97 -9.11 2.56
N GLY B 76 -26.10 -8.50 2.87
CA GLY B 76 -27.16 -9.10 3.69
C GLY B 76 -28.49 -8.75 3.05
N GLU B 77 -28.97 -9.60 2.14
CA GLU B 77 -30.23 -9.39 1.47
C GLU B 77 -31.38 -9.96 2.30
N PRO B 78 -32.46 -9.18 2.44
CA PRO B 78 -33.57 -9.62 3.26
C PRO B 78 -34.86 -9.86 2.48
N THR B 79 -35.42 -8.80 1.90
CA THR B 79 -36.69 -8.91 1.18
C THR B 79 -37.10 -7.55 0.61
N GLU B 80 -37.77 -7.54 -0.55
CA GLU B 80 -38.23 -6.26 -1.09
C GLU B 80 -39.34 -5.66 -0.23
N GLN B 81 -40.21 -6.50 0.33
CA GLN B 81 -41.26 -6.00 1.23
C GLN B 81 -40.71 -5.55 2.58
N PRO B 82 -39.40 -5.54 2.75
CA PRO B 82 -38.82 -5.24 4.05
C PRO B 82 -38.31 -3.82 4.18
N GLU B 83 -37.13 -3.67 4.74
CA GLU B 83 -36.53 -2.37 5.03
C GLU B 83 -35.03 -2.52 5.03
N TRP B 84 -34.28 -1.41 4.96
CA TRP B 84 -32.82 -1.52 4.89
C TRP B 84 -32.20 -1.77 6.25
N TYR B 85 -30.86 -1.80 6.29
CA TYR B 85 -30.15 -1.71 7.56
C TYR B 85 -30.16 -0.29 8.11
N VAL B 86 -30.83 0.64 7.43
CA VAL B 86 -30.87 2.05 7.82
C VAL B 86 -29.46 2.61 7.97
N GLY B 87 -28.69 2.42 6.90
CA GLY B 87 -27.30 2.85 6.84
C GLY B 87 -27.14 3.77 5.64
N ALA B 88 -27.03 5.10 5.83
CA ALA B 88 -26.97 6.00 4.67
C ALA B 88 -25.64 6.00 3.93
N PRO B 89 -25.54 6.91 2.97
CA PRO B 89 -24.44 6.98 2.01
C PRO B 89 -24.62 5.92 0.93
N VAL B 90 -25.51 5.02 1.31
CA VAL B 90 -25.96 3.81 0.57
C VAL B 90 -27.18 4.20 -0.27
N ALA B 91 -26.98 4.42 -1.57
CA ALA B 91 -28.06 4.77 -2.49
C ALA B 91 -28.26 3.57 -3.42
N TYR B 92 -29.52 3.18 -3.66
CA TYR B 92 -29.93 1.99 -4.44
C TYR B 92 -30.41 2.45 -5.81
N VAL B 93 -29.98 1.78 -6.88
CA VAL B 93 -30.37 2.11 -8.28
C VAL B 93 -31.24 0.98 -8.81
N GLN B 94 -32.27 1.29 -9.62
CA GLN B 94 -33.21 0.31 -10.22
C GLN B 94 -32.92 0.23 -11.72
N GLN B 95 -32.76 -0.96 -12.30
CA GLN B 95 -32.46 -1.15 -13.74
C GLN B 95 -33.70 -1.75 -14.43
N ILE B 96 -34.00 -1.30 -15.65
CA ILE B 96 -35.16 -1.83 -16.44
C ILE B 96 -34.62 -2.54 -17.69
N PHE B 97 -35.11 -3.75 -17.97
CA PHE B 97 -34.68 -4.54 -19.16
C PHE B 97 -35.83 -4.63 -20.17
N VAL B 98 -35.54 -4.29 -21.43
CA VAL B 98 -36.58 -4.29 -22.51
C VAL B 98 -35.98 -4.91 -23.79
N LYS B 99 -36.74 -5.70 -24.57
CA LYS B 99 -36.19 -6.37 -25.79
C LYS B 99 -37.09 -6.28 -27.05
N SER B 100 -36.49 -5.95 -28.20
CA SER B 100 -37.32 -5.84 -29.44
C SER B 100 -37.01 -7.00 -30.41
N SER B 101 -38.06 -7.51 -31.07
CA SER B 101 -37.94 -8.63 -32.06
C SER B 101 -38.63 -8.27 -33.37
N VAL B 102 -37.97 -8.65 -34.47
CA VAL B 102 -38.51 -8.49 -35.85
C VAL B 102 -38.69 -9.91 -36.39
N PHE B 103 -39.47 -10.10 -37.45
CA PHE B 103 -39.69 -11.48 -37.95
C PHE B 103 -38.36 -12.14 -38.37
N PRO B 104 -38.26 -13.48 -38.25
CA PRO B 104 -37.03 -14.22 -38.57
C PRO B 104 -36.77 -13.89 -40.05
N TRP B 105 -37.82 -13.40 -40.71
CA TRP B 105 -37.65 -12.99 -42.10
C TRP B 105 -38.04 -11.52 -42.23
N HIS B 106 -37.10 -10.70 -42.68
CA HIS B 106 -37.36 -9.29 -42.94
C HIS B 106 -36.23 -8.74 -43.81
N LYS B 107 -36.44 -7.55 -44.33
CA LYS B 107 -35.48 -6.89 -45.20
C LYS B 107 -34.88 -5.67 -44.52
N ASN B 108 -33.67 -5.31 -44.93
CA ASN B 108 -32.95 -4.14 -44.42
C ASN B 108 -32.84 -4.19 -42.90
N LEU B 109 -32.19 -5.25 -42.43
CA LEU B 109 -31.92 -5.44 -41.01
C LEU B 109 -30.64 -4.69 -40.69
N LEU B 110 -30.80 -3.49 -40.15
CA LEU B 110 -29.69 -2.65 -39.72
C LEU B 110 -29.97 -2.13 -38.31
N ALA B 111 -28.91 -1.98 -37.53
CA ALA B 111 -29.07 -1.51 -36.16
C ALA B 111 -29.63 -0.09 -36.08
N VAL B 112 -29.85 0.56 -37.21
CA VAL B 112 -30.48 1.88 -37.20
C VAL B 112 -32.00 1.77 -37.07
N ASP B 113 -32.67 1.09 -38.01
CA ASP B 113 -34.13 1.06 -37.99
C ASP B 113 -34.65 0.14 -36.90
N VAL B 114 -34.03 -1.03 -36.72
CA VAL B 114 -34.46 -1.94 -35.67
C VAL B 114 -34.25 -1.35 -34.29
N PHE B 115 -33.35 -0.39 -34.15
CA PHE B 115 -33.08 0.27 -32.89
C PHE B 115 -33.95 1.51 -32.68
N ARG B 116 -34.30 2.22 -33.75
CA ARG B 116 -35.03 3.47 -33.61
C ARG B 116 -36.43 3.29 -33.03
N SER B 117 -37.22 2.36 -33.56
CA SER B 117 -38.60 2.23 -33.10
C SER B 117 -38.62 1.80 -31.63
N PRO B 118 -37.76 0.88 -31.19
CA PRO B 118 -37.56 0.72 -29.74
C PRO B 118 -37.44 2.05 -29.04
N LEU B 119 -36.61 2.95 -29.58
CA LEU B 119 -36.44 4.25 -28.93
C LEU B 119 -37.58 5.18 -29.25
N SER B 120 -38.26 4.97 -30.39
CA SER B 120 -39.52 5.67 -30.62
C SER B 120 -40.45 5.49 -29.43
N ARG B 121 -40.48 4.30 -28.85
CA ARG B 121 -41.28 4.07 -27.65
C ARG B 121 -40.55 4.49 -26.39
N ALA B 122 -39.22 4.33 -26.37
CA ALA B 122 -38.43 4.69 -25.20
C ALA B 122 -38.62 6.15 -24.84
N PHE B 123 -38.61 7.04 -25.84
CA PHE B 123 -38.71 8.46 -25.54
C PHE B 123 -40.07 8.79 -24.95
N GLN B 124 -41.14 8.20 -25.50
CA GLN B 124 -42.45 8.37 -24.88
C GLN B 124 -42.46 7.89 -23.44
N LEU B 125 -41.83 6.75 -23.18
CA LEU B 125 -41.80 6.22 -21.81
C LEU B 125 -41.02 7.15 -20.89
N VAL B 126 -39.89 7.66 -21.37
CA VAL B 126 -39.09 8.60 -20.59
C VAL B 126 -39.91 9.84 -20.26
N GLU B 127 -40.64 10.36 -21.24
CA GLU B 127 -41.42 11.56 -21.02
C GLU B 127 -42.64 11.30 -20.14
N GLU B 128 -43.06 10.03 -20.05
CA GLU B 128 -44.11 9.67 -19.10
C GLU B 128 -43.56 9.64 -17.69
N ILE B 129 -42.44 8.94 -17.48
CA ILE B 129 -41.89 8.78 -16.15
C ILE B 129 -41.40 10.11 -15.60
N ARG B 130 -40.64 10.86 -16.39
CA ARG B 130 -40.10 12.13 -15.93
C ARG B 130 -41.23 13.07 -15.54
N ASN B 131 -42.37 12.97 -16.23
CA ASN B 131 -43.57 13.75 -15.92
C ASN B 131 -44.68 12.87 -15.36
N HIS B 132 -44.32 11.87 -14.56
CA HIS B 132 -45.30 10.94 -14.01
C HIS B 132 -46.23 11.68 -13.06
N VAL B 133 -47.46 11.89 -13.48
CA VAL B 133 -48.48 12.51 -12.63
C VAL B 133 -49.27 11.40 -11.96
N LEU B 134 -49.36 11.46 -10.63
CA LEU B 134 -49.98 10.38 -9.87
C LEU B 134 -50.11 10.80 -8.41
N ARG B 135 -51.12 10.23 -7.75
CA ARG B 135 -51.39 10.51 -6.33
C ARG B 135 -50.39 9.77 -5.47
N ASP B 136 -49.18 10.30 -5.41
CA ASP B 136 -48.15 9.79 -4.52
C ASP B 136 -48.30 10.45 -3.15
N SER B 137 -47.35 10.20 -2.24
CA SER B 137 -47.45 10.73 -0.88
C SER B 137 -47.64 12.24 -0.86
N SER B 138 -47.26 12.93 -1.93
CA SER B 138 -47.34 14.38 -2.02
C SER B 138 -48.37 14.80 -3.07
N GLY B 139 -49.51 14.12 -3.09
CA GLY B 139 -50.53 14.47 -4.08
C GLY B 139 -50.01 14.20 -5.47
N ILE B 140 -50.07 15.23 -6.32
CA ILE B 140 -49.57 15.08 -7.68
C ILE B 140 -48.05 15.24 -7.67
N ARG B 141 -47.35 14.14 -7.44
CA ARG B 141 -45.90 14.15 -7.34
C ARG B 141 -45.29 13.51 -8.58
N SER B 142 -44.04 13.86 -8.83
CA SER B 142 -43.25 13.31 -9.91
C SER B 142 -41.94 12.78 -9.34
N LEU B 143 -41.07 12.32 -10.23
CA LEU B 143 -39.81 11.73 -9.80
C LEU B 143 -38.92 12.76 -9.12
N GLU B 144 -38.89 13.98 -9.66
CA GLU B 144 -37.99 15.03 -9.17
C GLU B 144 -38.05 15.22 -7.67
N GLU B 145 -39.21 14.99 -7.04
CA GLU B 145 -39.36 15.39 -5.63
C GLU B 145 -38.41 14.63 -4.73
N LEU B 146 -38.04 13.42 -5.12
CA LEU B 146 -37.14 12.60 -4.34
C LEU B 146 -35.90 12.16 -5.11
N CYS B 147 -35.94 12.33 -6.44
CA CYS B 147 -34.80 11.93 -7.32
C CYS B 147 -33.53 12.67 -6.87
N LEU B 148 -32.38 11.98 -6.90
CA LEU B 148 -31.09 12.59 -6.50
C LEU B 148 -30.83 13.83 -7.35
N GLN B 149 -31.19 15.01 -6.85
CA GLN B 149 -31.00 16.29 -7.58
C GLN B 149 -29.65 16.90 -7.17
N VAL B 150 -28.69 16.94 -8.09
CA VAL B 150 -27.34 17.51 -7.80
C VAL B 150 -26.60 17.72 -9.13
N THR B 151 -25.97 18.89 -9.30
CA THR B 151 -25.22 19.22 -10.54
C THR B 151 -23.72 19.33 -10.21
N ASP B 152 -23.15 18.26 -9.64
CA ASP B 152 -21.74 18.24 -9.27
C ASP B 152 -20.95 17.72 -10.48
N LEU B 153 -20.69 18.61 -11.44
CA LEU B 153 -19.95 18.25 -12.63
C LEU B 153 -18.45 18.41 -12.33
N LEU B 154 -17.72 17.31 -12.41
CA LEU B 154 -16.31 17.32 -12.08
C LEU B 154 -15.46 17.70 -13.29
N PRO B 155 -14.17 18.01 -13.06
CA PRO B 155 -13.34 18.52 -14.15
C PRO B 155 -13.31 17.63 -15.39
N GLY B 156 -12.99 16.35 -15.25
CA GLY B 156 -12.75 15.49 -16.40
C GLY B 156 -13.96 15.16 -17.25
N LEU B 157 -15.07 15.87 -17.08
CA LEU B 157 -16.30 15.64 -17.82
C LEU B 157 -16.26 16.29 -19.20
N ARG B 158 -15.11 16.83 -19.62
CA ARG B 158 -15.03 17.56 -20.88
C ARG B 158 -15.55 16.72 -22.03
N LYS B 159 -15.04 15.49 -22.17
CA LYS B 159 -15.43 14.63 -23.28
C LYS B 159 -16.94 14.45 -23.37
N LEU B 160 -17.67 14.64 -22.27
CA LEU B 160 -19.11 14.36 -22.22
C LEU B 160 -19.85 15.54 -21.59
N ARG B 161 -19.48 16.75 -21.97
CA ARG B 161 -20.19 17.94 -21.49
C ARG B 161 -21.62 18.00 -21.99
N ASN B 162 -22.05 17.01 -22.78
CA ASN B 162 -23.40 17.02 -23.33
C ASN B 162 -24.10 15.67 -23.20
N LEU B 163 -23.63 14.78 -22.32
CA LEU B 163 -24.15 13.42 -22.26
C LEU B 163 -24.88 13.12 -20.96
N LEU B 164 -24.45 13.70 -19.84
CA LEU B 164 -25.07 13.45 -18.56
C LEU B 164 -25.94 14.62 -18.13
N PRO B 165 -27.09 14.37 -17.48
CA PRO B 165 -27.97 15.47 -17.05
C PRO B 165 -27.27 16.37 -16.01
N GLU B 166 -27.54 17.67 -16.05
CA GLU B 166 -26.93 18.63 -15.09
C GLU B 166 -28.03 19.57 -14.56
N HIS B 167 -29.24 19.45 -15.10
CA HIS B 167 -30.38 20.31 -14.67
C HIS B 167 -30.76 19.96 -13.22
N GLY B 168 -31.21 18.72 -12.99
CA GLY B 168 -31.61 18.28 -11.64
C GLY B 168 -32.30 16.92 -11.68
N CYS B 169 -31.86 16.05 -12.58
CA CYS B 169 -32.44 14.69 -12.71
C CYS B 169 -31.32 13.64 -12.81
N LEU B 170 -31.58 12.41 -12.35
CA LEU B 170 -30.58 11.32 -12.40
C LEU B 170 -31.19 10.09 -13.07
N LEU B 171 -31.39 10.15 -14.40
CA LEU B 171 -31.97 9.03 -15.17
C LEU B 171 -31.06 8.78 -16.37
N LEU B 172 -30.69 7.53 -16.66
CA LEU B 172 -29.75 7.20 -17.77
C LEU B 172 -30.46 6.38 -18.86
N SER B 173 -30.40 6.81 -20.14
CA SER B 173 -30.99 6.14 -21.33
C SER B 173 -30.05 6.40 -22.51
N PRO B 174 -30.02 5.57 -23.60
CA PRO B 174 -29.13 5.87 -24.72
C PRO B 174 -29.45 7.19 -25.40
N GLY B 175 -30.70 7.63 -25.36
CA GLY B 175 -31.07 8.91 -25.92
C GLY B 175 -30.58 10.11 -25.15
N ASN B 176 -29.95 9.84 -24.00
CA ASN B 176 -29.33 10.90 -23.16
C ASN B 176 -28.25 11.56 -24.03
N PHE B 177 -27.50 10.73 -24.78
CA PHE B 177 -26.50 11.27 -25.70
C PHE B 177 -27.10 12.37 -26.56
N TRP B 178 -28.36 12.22 -26.95
CA TRP B 178 -29.09 13.20 -27.74
C TRP B 178 -29.82 14.22 -26.88
N GLN B 179 -29.40 14.37 -25.62
CA GLN B 179 -29.94 15.40 -24.73
C GLN B 179 -31.46 15.37 -24.66
N ASN B 180 -32.05 14.17 -24.70
CA ASN B 180 -33.49 14.00 -24.61
C ASN B 180 -34.20 14.63 -25.80
N ASP B 181 -33.64 14.39 -26.99
CA ASP B 181 -34.20 14.87 -28.23
C ASP B 181 -34.45 13.67 -29.14
N TRP B 182 -35.71 13.24 -29.23
CA TRP B 182 -36.06 12.15 -30.12
C TRP B 182 -36.12 12.61 -31.57
N GLU B 183 -36.42 13.88 -31.83
CA GLU B 183 -36.45 14.36 -33.20
C GLU B 183 -35.07 14.24 -33.85
N ARG B 184 -34.03 14.78 -33.21
CA ARG B 184 -32.68 14.55 -33.68
C ARG B 184 -32.39 13.08 -33.87
N PHE B 185 -32.86 12.24 -32.95
CA PHE B 185 -32.60 10.81 -33.03
C PHE B 185 -33.15 10.22 -34.32
N HIS B 186 -34.45 10.40 -34.56
CA HIS B 186 -35.11 9.90 -35.76
C HIS B 186 -35.02 10.88 -36.93
N ALA B 187 -34.14 11.88 -36.84
CA ALA B 187 -33.86 12.76 -37.96
C ALA B 187 -32.41 12.72 -38.40
N ASP B 188 -31.51 12.11 -37.63
CA ASP B 188 -30.10 12.09 -37.98
C ASP B 188 -29.83 11.14 -39.14
N PRO B 189 -28.66 11.27 -39.78
CA PRO B 189 -28.30 10.31 -40.84
C PRO B 189 -27.77 8.99 -40.31
N ASP B 190 -27.04 8.99 -39.20
CA ASP B 190 -26.43 7.76 -38.69
C ASP B 190 -26.04 7.96 -37.24
N ILE B 191 -26.11 6.87 -36.46
CA ILE B 191 -25.72 6.90 -35.06
C ILE B 191 -24.71 5.82 -34.69
N ILE B 192 -24.62 4.71 -35.42
CA ILE B 192 -23.74 3.62 -35.02
C ILE B 192 -22.32 4.12 -34.81
N GLY B 193 -21.76 4.83 -35.79
CA GLY B 193 -20.46 5.42 -35.60
C GLY B 193 -20.46 6.46 -34.48
N THR B 194 -21.53 7.24 -34.37
CA THR B 194 -21.57 8.27 -33.33
C THR B 194 -21.57 7.63 -31.95
N ILE B 195 -22.34 6.56 -31.75
CA ILE B 195 -22.31 5.88 -30.47
C ILE B 195 -20.95 5.23 -30.24
N HIS B 196 -20.35 4.67 -31.29
CA HIS B 196 -18.97 4.19 -31.24
C HIS B 196 -17.99 5.28 -30.83
N GLN B 197 -18.36 6.55 -31.03
CA GLN B 197 -17.41 7.65 -30.92
C GLN B 197 -16.61 7.67 -29.61
N HIS B 198 -17.05 6.96 -28.57
CA HIS B 198 -16.38 7.00 -27.28
C HIS B 198 -15.91 5.63 -26.79
N GLU B 199 -15.78 4.65 -27.67
CA GLU B 199 -15.22 3.36 -27.29
C GLU B 199 -13.71 3.39 -27.51
N PRO B 200 -12.90 3.62 -26.48
CA PRO B 200 -11.46 3.76 -26.71
C PRO B 200 -10.77 2.48 -27.20
N LYS B 201 -10.86 1.41 -26.41
CA LYS B 201 -10.07 0.20 -26.63
C LYS B 201 -10.80 -0.98 -26.01
N THR B 202 -10.10 -2.10 -25.91
CA THR B 202 -10.68 -3.34 -25.42
C THR B 202 -10.15 -3.69 -24.03
N LEU B 203 -10.96 -4.39 -23.25
CA LEU B 203 -10.59 -4.90 -21.95
C LEU B 203 -9.90 -3.83 -21.09
N GLN B 204 -10.63 -2.77 -20.75
CA GLN B 204 -10.15 -1.77 -19.82
C GLN B 204 -11.05 -1.79 -18.58
N THR B 205 -10.42 -1.76 -17.41
CA THR B 205 -11.18 -1.87 -16.16
C THR B 205 -12.28 -0.81 -16.08
N SER B 206 -12.05 0.37 -16.63
CA SER B 206 -13.08 1.39 -16.77
C SER B 206 -13.85 1.13 -18.05
N ALA B 207 -15.05 0.58 -17.91
CA ALA B 207 -15.72 -0.01 -19.06
C ALA B 207 -16.02 1.02 -20.15
N THR B 208 -16.98 1.91 -19.91
CA THR B 208 -17.40 2.83 -20.95
C THR B 208 -18.49 3.78 -20.47
N LEU B 209 -19.04 4.53 -21.41
CA LEU B 209 -20.32 5.21 -21.25
C LEU B 209 -21.38 4.60 -22.15
N LYS B 210 -20.98 3.98 -23.26
CA LYS B 210 -21.88 3.40 -24.23
C LYS B 210 -22.65 2.21 -23.68
N ASP B 211 -21.93 1.17 -23.25
CA ASP B 211 -22.57 0.03 -22.59
C ASP B 211 -23.41 0.45 -21.39
N LEU B 212 -23.09 1.57 -20.75
CA LEU B 212 -23.87 2.00 -19.59
C LEU B 212 -25.27 2.39 -20.00
N LEU B 213 -25.38 3.40 -20.86
CA LEU B 213 -26.70 3.83 -21.30
C LEU B 213 -27.31 2.86 -22.30
N PHE B 214 -26.58 1.79 -22.62
CA PHE B 214 -27.19 0.62 -23.22
C PHE B 214 -27.57 -0.39 -22.14
N GLY B 215 -26.77 -0.50 -21.10
CA GLY B 215 -27.04 -1.42 -20.01
C GLY B 215 -26.76 -2.85 -20.41
N VAL B 216 -27.48 -3.33 -21.42
CA VAL B 216 -27.33 -4.68 -21.92
C VAL B 216 -25.95 -4.79 -22.56
N PRO B 217 -25.02 -5.58 -22.01
CA PRO B 217 -23.71 -5.70 -22.64
C PRO B 217 -23.82 -6.34 -24.01
N GLY B 218 -23.46 -5.58 -25.05
CA GLY B 218 -23.57 -6.06 -26.41
C GLY B 218 -22.86 -7.38 -26.66
N LYS B 219 -22.01 -7.81 -25.74
CA LYS B 219 -21.38 -9.13 -25.82
C LYS B 219 -22.03 -10.17 -24.93
N TYR B 220 -22.47 -9.80 -23.73
CA TYR B 220 -23.20 -10.73 -22.87
C TYR B 220 -24.68 -10.77 -23.26
N SER B 221 -25.31 -9.60 -23.36
CA SER B 221 -26.66 -9.54 -23.90
C SER B 221 -26.72 -10.12 -25.30
N GLY B 222 -25.60 -10.07 -26.03
CA GLY B 222 -25.53 -10.62 -27.36
C GLY B 222 -26.20 -9.73 -28.40
N VAL B 223 -25.93 -8.44 -28.32
CA VAL B 223 -26.53 -7.45 -29.24
C VAL B 223 -25.53 -7.28 -30.37
N SER B 224 -25.77 -8.00 -31.47
CA SER B 224 -24.91 -7.97 -32.63
C SER B 224 -25.77 -7.89 -33.88
N LEU B 225 -25.20 -7.30 -34.94
CA LEU B 225 -25.92 -7.15 -36.20
C LEU B 225 -26.00 -8.52 -36.86
N TYR B 226 -26.98 -9.31 -36.44
CA TYR B 226 -27.21 -10.65 -36.96
C TYR B 226 -28.59 -10.70 -37.60
N THR B 227 -28.65 -11.26 -38.81
CA THR B 227 -29.89 -11.31 -39.56
C THR B 227 -30.69 -12.55 -39.18
N ARG B 228 -31.99 -12.36 -38.99
CA ARG B 228 -32.94 -13.41 -38.60
C ARG B 228 -32.72 -13.89 -37.18
N LYS B 229 -31.69 -13.43 -36.49
CA LYS B 229 -31.52 -13.69 -35.07
C LYS B 229 -31.03 -12.44 -34.37
N ARG B 230 -31.94 -11.53 -34.04
CA ARG B 230 -31.53 -10.25 -33.39
C ARG B 230 -32.37 -9.97 -32.15
N MET B 231 -31.71 -9.60 -31.04
CA MET B 231 -32.42 -9.26 -29.78
C MET B 231 -31.86 -7.96 -29.19
N VAL B 232 -32.15 -6.82 -29.83
CA VAL B 232 -31.63 -5.51 -29.32
C VAL B 232 -32.27 -5.23 -27.95
N SER B 233 -31.49 -4.72 -27.00
CA SER B 233 -32.01 -4.41 -25.64
C SER B 233 -31.48 -3.05 -25.17
N TYR B 234 -32.27 -2.34 -24.36
CA TYR B 234 -31.86 -1.01 -23.82
C TYR B 234 -31.98 -1.01 -22.30
N THR B 235 -30.86 -0.75 -21.61
CA THR B 235 -30.84 -0.73 -20.12
C THR B 235 -31.13 0.68 -19.62
N ILE B 236 -32.05 0.80 -18.65
CA ILE B 236 -32.42 2.13 -18.07
C ILE B 236 -31.97 2.16 -16.61
N THR B 237 -31.52 3.33 -16.13
CA THR B 237 -31.06 3.49 -14.73
C THR B 237 -31.82 4.61 -14.03
N LEU B 238 -31.89 4.53 -12.69
CA LEU B 238 -32.57 5.55 -11.84
C LEU B 238 -31.96 5.49 -10.44
N VAL B 239 -32.14 6.54 -9.63
CA VAL B 239 -31.57 6.54 -8.24
C VAL B 239 -32.54 7.27 -7.31
N PHE B 240 -32.44 7.01 -5.99
CA PHE B 240 -33.29 7.72 -5.06
C PHE B 240 -32.73 7.54 -3.66
N GLN B 241 -33.34 8.22 -2.68
CA GLN B 241 -32.93 8.10 -1.28
C GLN B 241 -33.85 7.13 -0.55
N HIS B 242 -35.13 7.49 -0.44
CA HIS B 242 -36.13 6.68 0.24
C HIS B 242 -37.04 6.03 -0.79
N TYR B 243 -37.35 4.77 -0.58
CA TYR B 243 -38.24 4.04 -1.46
C TYR B 243 -39.66 4.13 -0.95
N HIS B 244 -40.59 4.40 -1.86
CA HIS B 244 -42.01 4.43 -1.54
C HIS B 244 -42.75 3.68 -2.63
N ALA B 245 -42.98 2.38 -2.39
CA ALA B 245 -43.68 1.56 -3.37
C ALA B 245 -45.07 2.09 -3.68
N LYS B 246 -45.64 2.90 -2.78
CA LYS B 246 -46.91 3.57 -3.11
C LYS B 246 -46.81 4.26 -4.46
N PHE B 247 -45.61 4.64 -4.88
CA PHE B 247 -45.36 5.18 -6.20
C PHE B 247 -45.10 4.08 -7.22
N LEU B 248 -44.16 3.18 -6.94
CA LEU B 248 -43.65 2.30 -7.98
C LEU B 248 -44.64 1.18 -8.32
N GLY B 249 -45.32 0.63 -7.32
CA GLY B 249 -46.36 -0.34 -7.60
C GLY B 249 -47.42 0.23 -8.51
N SER B 250 -47.87 1.45 -8.23
CA SER B 250 -48.85 2.12 -9.09
C SER B 250 -48.29 2.40 -10.47
N LEU B 251 -47.02 2.80 -10.55
CA LEU B 251 -46.35 2.91 -11.84
C LEU B 251 -46.46 1.61 -12.63
N ARG B 252 -46.03 0.51 -12.02
CA ARG B 252 -46.11 -0.80 -12.66
C ARG B 252 -47.53 -1.09 -13.15
N ALA B 253 -48.55 -0.53 -12.50
CA ALA B 253 -49.90 -0.66 -13.02
C ALA B 253 -50.00 -0.06 -14.41
N ARG B 254 -49.19 0.97 -14.69
CA ARG B 254 -49.13 1.52 -16.04
C ARG B 254 -48.37 0.60 -16.98
N LEU B 255 -47.32 -0.06 -16.48
CA LEU B 255 -46.48 -0.88 -17.36
C LEU B 255 -47.14 -2.21 -17.68
N MET B 256 -48.05 -2.68 -16.83
CA MET B 256 -48.80 -3.89 -17.18
C MET B 256 -49.58 -3.68 -18.47
N LEU B 257 -49.98 -2.44 -18.75
CA LEU B 257 -50.64 -2.14 -20.01
C LEU B 257 -49.66 -1.69 -21.08
N LEU B 258 -48.66 -0.88 -20.71
CA LEU B 258 -47.70 -0.39 -21.68
C LEU B 258 -46.83 -1.50 -22.26
N HIS B 259 -46.16 -2.25 -21.38
CA HIS B 259 -45.27 -3.36 -21.80
C HIS B 259 -46.09 -4.40 -22.58
N PRO B 260 -47.11 -5.03 -21.96
CA PRO B 260 -47.96 -6.05 -22.62
C PRO B 260 -47.16 -7.07 -23.45
N SER B 261 -46.12 -7.66 -22.84
CA SER B 261 -45.28 -8.68 -23.52
C SER B 261 -45.65 -10.08 -23.03
N PRO B 262 -45.06 -11.16 -23.59
CA PRO B 262 -45.39 -12.51 -23.13
C PRO B 262 -44.29 -13.09 -22.23
N ASN B 263 -44.34 -12.77 -20.93
CA ASN B 263 -43.35 -13.27 -19.96
C ASN B 263 -44.06 -13.66 -18.66
N CYS B 264 -43.50 -14.62 -17.91
CA CYS B 264 -44.10 -15.08 -16.63
C CYS B 264 -43.34 -14.46 -15.45
N SER B 265 -42.17 -13.89 -15.73
CA SER B 265 -41.33 -13.25 -14.67
C SER B 265 -42.23 -12.42 -13.74
N LEU B 266 -42.08 -12.62 -12.42
CA LEU B 266 -42.89 -11.87 -11.42
C LEU B 266 -42.24 -12.03 -10.03
N ARG B 267 -41.68 -13.21 -9.76
CA ARG B 267 -41.01 -13.50 -8.46
C ARG B 267 -41.96 -13.13 -7.31
N ALA B 268 -41.46 -12.37 -6.33
CA ALA B 268 -42.27 -11.95 -5.15
C ALA B 268 -41.59 -10.77 -4.45
N GLU B 269 -40.86 -11.06 -3.37
CA GLU B 269 -40.15 -10.01 -2.59
C GLU B 269 -38.78 -10.54 -2.17
N SER B 270 -37.71 -10.01 -2.78
CA SER B 270 -36.33 -10.43 -2.45
C SER B 270 -35.44 -9.23 -2.71
N LEU B 271 -34.79 -8.61 -1.72
CA LEU B 271 -34.01 -7.41 -2.05
C LEU B 271 -32.55 -7.76 -1.91
N VAL B 272 -31.71 -7.42 -2.90
CA VAL B 272 -30.26 -7.75 -2.95
C VAL B 272 -29.46 -6.49 -2.63
N HIS B 273 -28.48 -6.60 -1.74
CA HIS B 273 -27.63 -5.44 -1.34
C HIS B 273 -26.17 -5.73 -1.71
N VAL B 274 -25.74 -5.24 -2.88
CA VAL B 274 -24.33 -5.46 -3.36
C VAL B 274 -23.37 -4.76 -2.38
N HIS B 275 -22.23 -5.40 -2.11
CA HIS B 275 -21.21 -4.83 -1.19
C HIS B 275 -20.15 -4.08 -1.99
N PHE B 276 -19.77 -2.88 -1.53
CA PHE B 276 -18.75 -2.05 -2.22
C PHE B 276 -17.35 -2.40 -1.69
N LYS B 277 -16.57 -3.12 -2.49
CA LYS B 277 -15.21 -3.52 -2.10
C LYS B 277 -14.21 -2.54 -2.73
N GLU B 278 -13.20 -2.17 -1.96
CA GLU B 278 -12.25 -1.14 -2.39
C GLU B 278 -10.96 -1.85 -2.76
N GLU B 279 -10.42 -1.57 -3.95
CA GLU B 279 -9.25 -2.26 -4.53
C GLU B 279 -7.96 -1.48 -4.26
N ILE B 280 -7.00 -2.08 -3.58
CA ILE B 280 -5.66 -1.47 -3.36
C ILE B 280 -4.87 -1.86 -4.61
N GLY B 281 -4.53 -0.88 -5.43
CA GLY B 281 -3.76 -1.19 -6.61
C GLY B 281 -2.50 -1.98 -6.28
N VAL B 282 -1.59 -1.99 -7.26
CA VAL B 282 -0.34 -2.72 -7.11
C VAL B 282 0.79 -1.76 -6.77
N ALA B 283 0.97 -0.71 -7.56
CA ALA B 283 2.03 0.25 -7.28
C ALA B 283 1.95 0.74 -5.84
N GLU B 284 0.74 0.97 -5.35
CA GLU B 284 0.54 1.34 -3.95
C GLU B 284 1.21 0.36 -3.00
N LEU B 285 1.60 -0.82 -3.51
CA LEU B 285 2.14 -1.89 -2.70
C LEU B 285 3.65 -2.00 -2.79
N ILE B 286 4.26 -1.47 -3.83
CA ILE B 286 5.66 -1.73 -4.14
C ILE B 286 6.60 -1.33 -3.00
N PRO B 287 6.59 -0.08 -2.53
CA PRO B 287 7.62 0.32 -1.56
C PRO B 287 7.73 -0.61 -0.38
N LEU B 288 6.61 -0.96 0.24
CA LEU B 288 6.63 -1.93 1.31
C LEU B 288 7.55 -3.10 1.00
N VAL B 289 7.33 -3.76 -0.13
CA VAL B 289 8.12 -4.94 -0.45
C VAL B 289 9.59 -4.60 -0.58
N THR B 290 9.92 -3.48 -1.23
CA THR B 290 11.29 -3.03 -1.25
C THR B 290 11.93 -3.16 0.12
N THR B 291 11.28 -2.61 1.15
CA THR B 291 11.76 -2.77 2.51
C THR B 291 12.21 -4.19 2.80
N TYR B 292 11.29 -5.16 2.66
CA TYR B 292 11.62 -6.53 3.03
C TYR B 292 12.85 -7.01 2.28
N ILE B 293 12.97 -6.66 0.99
CA ILE B 293 14.17 -7.04 0.26
C ILE B 293 15.40 -6.54 1.01
N ILE B 294 15.47 -5.23 1.23
CA ILE B 294 16.54 -4.65 2.02
C ILE B 294 16.79 -5.47 3.27
N LEU B 295 15.72 -5.84 3.98
CA LEU B 295 15.91 -6.54 5.24
C LEU B 295 16.70 -7.82 5.04
N PHE B 296 16.31 -8.64 4.07
CA PHE B 296 16.99 -9.92 3.88
C PHE B 296 18.48 -9.72 3.65
N ALA B 297 18.84 -8.64 2.96
CA ALA B 297 20.26 -8.36 2.75
C ALA B 297 20.96 -8.09 4.07
N TYR B 298 20.33 -7.30 4.94
CA TYR B 298 20.89 -7.09 6.27
C TYR B 298 21.23 -8.41 6.94
N ILE B 299 20.56 -9.49 6.57
CA ILE B 299 20.79 -10.77 7.22
C ILE B 299 22.01 -11.45 6.62
N TYR B 300 21.94 -11.79 5.33
CA TYR B 300 23.03 -12.50 4.68
C TYR B 300 24.38 -11.88 4.99
N PHE B 301 24.41 -10.57 5.20
CA PHE B 301 25.65 -9.86 5.38
C PHE B 301 26.17 -9.95 6.81
N SER B 302 25.28 -9.83 7.79
CA SER B 302 25.63 -10.17 9.15
C SER B 302 26.38 -11.50 9.23
N THR B 303 25.76 -12.56 8.73
CA THR B 303 26.25 -13.91 8.98
C THR B 303 27.57 -14.20 8.29
N ARG B 304 27.89 -13.51 7.19
CA ARG B 304 29.18 -13.72 6.56
C ARG B 304 30.31 -13.39 7.52
N LYS B 305 30.03 -12.58 8.54
CA LYS B 305 30.98 -12.40 9.63
C LYS B 305 31.20 -13.69 10.39
N ILE B 306 30.21 -14.59 10.39
CA ILE B 306 30.30 -15.80 11.20
C ILE B 306 30.75 -17.00 10.37
N ASP B 307 30.50 -16.99 9.05
CA ASP B 307 31.02 -18.07 8.22
C ASP B 307 32.54 -18.23 8.36
N MET B 308 33.22 -17.21 8.86
CA MET B 308 34.67 -17.29 9.08
C MET B 308 35.01 -18.42 10.05
N VAL B 309 34.45 -18.36 11.25
CA VAL B 309 34.87 -19.27 12.31
C VAL B 309 34.41 -20.69 12.01
N LYS B 310 35.13 -21.66 12.55
CA LYS B 310 34.82 -23.07 12.33
C LYS B 310 33.53 -23.42 13.06
N SER B 311 32.44 -23.52 12.30
CA SER B 311 31.16 -23.98 12.83
C SER B 311 30.16 -24.02 11.68
N LYS B 312 28.97 -24.51 11.97
CA LYS B 312 27.98 -24.71 10.94
C LYS B 312 27.18 -23.44 10.68
N TRP B 313 26.44 -23.46 9.58
CA TRP B 313 25.53 -22.37 9.25
C TRP B 313 24.46 -22.17 10.32
N GLY B 314 23.78 -23.23 10.72
CA GLY B 314 22.71 -23.11 11.71
C GLY B 314 23.10 -22.31 12.94
N LEU B 315 24.39 -22.28 13.27
CA LEU B 315 24.84 -21.39 14.33
C LEU B 315 24.27 -19.99 14.14
N ALA B 316 24.59 -19.36 13.01
CA ALA B 316 23.97 -18.09 12.65
C ALA B 316 22.46 -18.12 12.83
N LEU B 317 21.79 -19.15 12.30
CA LEU B 317 20.35 -19.27 12.44
C LEU B 317 19.90 -18.87 13.84
N ALA B 318 20.59 -19.36 14.87
CA ALA B 318 20.12 -19.15 16.23
C ALA B 318 19.88 -17.68 16.53
N ALA B 319 20.77 -16.80 16.07
CA ALA B 319 20.60 -15.39 16.36
C ALA B 319 19.51 -14.78 15.49
N VAL B 320 19.36 -15.27 14.26
CA VAL B 320 18.34 -14.73 13.38
C VAL B 320 16.96 -14.91 14.00
N VAL B 321 16.58 -16.16 14.25
CA VAL B 321 15.27 -16.45 14.81
C VAL B 321 15.00 -15.69 16.09
N THR B 322 16.06 -15.35 16.84
CA THR B 322 15.84 -14.84 18.20
C THR B 322 15.35 -13.41 18.17
N VAL B 323 16.19 -12.49 17.71
CA VAL B 323 15.80 -11.08 17.64
C VAL B 323 14.42 -10.96 16.99
N LEU B 324 14.22 -11.61 15.86
CA LEU B 324 12.92 -11.58 15.22
C LEU B 324 11.83 -12.05 16.17
N SER B 325 11.94 -13.29 16.66
CA SER B 325 10.97 -13.80 17.61
C SER B 325 10.69 -12.81 18.71
N SER B 326 11.67 -11.97 19.04
CA SER B 326 11.46 -10.97 20.08
C SER B 326 10.49 -9.90 19.60
N LEU B 327 10.84 -9.22 18.50
CA LEU B 327 9.94 -8.21 17.96
C LEU B 327 8.53 -8.78 17.78
N LEU B 328 8.42 -9.92 17.09
CA LEU B 328 7.14 -10.60 17.03
C LEU B 328 6.53 -10.72 18.41
N MET B 329 7.23 -11.38 19.33
CA MET B 329 6.77 -11.43 20.72
C MET B 329 6.31 -10.06 21.19
N SER B 330 7.15 -9.04 21.00
CA SER B 330 6.80 -7.69 21.43
C SER B 330 5.45 -7.27 20.88
N VAL B 331 5.24 -7.44 19.57
CA VAL B 331 3.95 -7.10 18.98
C VAL B 331 2.81 -7.67 19.81
N GLY B 332 2.87 -8.96 20.16
CA GLY B 332 1.79 -9.55 20.91
C GLY B 332 1.52 -8.86 22.22
N LEU B 333 2.56 -8.46 22.93
CA LEU B 333 2.35 -7.79 24.21
C LEU B 333 2.07 -6.31 24.01
N CYS B 334 2.28 -5.82 22.79
CA CYS B 334 2.02 -4.42 22.50
C CYS B 334 0.58 -4.19 22.09
N THR B 335 -0.03 -5.19 21.44
CA THR B 335 -1.42 -5.07 21.02
C THR B 335 -2.38 -5.31 22.17
N LEU B 336 -2.32 -6.50 22.78
CA LEU B 336 -3.39 -6.97 23.65
C LEU B 336 -3.60 -6.07 24.86
N PHE B 337 -2.52 -5.55 25.45
CA PHE B 337 -2.69 -4.47 26.41
C PHE B 337 -3.64 -3.40 25.87
N GLY B 338 -3.68 -3.21 24.56
CA GLY B 338 -4.66 -2.35 23.93
C GLY B 338 -4.09 -1.03 23.47
N LEU B 339 -2.80 -1.00 23.13
CA LEU B 339 -2.10 0.25 22.90
C LEU B 339 -1.48 0.34 21.51
N THR B 340 -2.05 -0.33 20.52
CA THR B 340 -1.69 -0.14 19.11
C THR B 340 -2.97 -0.05 18.30
N PRO B 341 -3.73 1.03 18.49
CA PRO B 341 -5.02 1.17 17.79
C PRO B 341 -4.91 1.78 16.40
N THR B 342 -3.71 2.07 15.92
CA THR B 342 -3.55 2.80 14.66
C THR B 342 -2.37 2.30 13.84
N LEU B 343 -1.93 1.06 14.06
CA LEU B 343 -0.71 0.64 13.41
C LEU B 343 -0.68 -0.86 13.21
N ASN B 344 0.15 -1.28 12.26
CA ASN B 344 0.41 -2.68 11.94
C ASN B 344 1.91 -2.93 12.00
N GLY B 345 2.29 -4.18 11.83
CA GLY B 345 3.69 -4.57 11.92
C GLY B 345 4.34 -4.73 10.57
N GLY B 346 3.61 -5.31 9.62
CA GLY B 346 4.18 -5.59 8.32
C GLY B 346 4.83 -4.37 7.69
N GLU B 347 4.44 -3.17 8.12
CA GLU B 347 5.00 -1.93 7.59
C GLU B 347 6.00 -1.28 8.54
N ILE B 348 6.22 -1.84 9.72
CA ILE B 348 7.11 -1.26 10.70
C ILE B 348 8.12 -2.31 11.14
N PHE B 349 7.63 -3.52 11.41
CA PHE B 349 8.47 -4.59 11.93
C PHE B 349 9.87 -4.61 11.35
N PRO B 350 10.06 -4.58 10.03
CA PRO B 350 11.43 -4.51 9.50
C PRO B 350 12.28 -3.42 10.15
N TYR B 351 11.72 -2.21 10.25
CA TYR B 351 12.51 -1.06 10.68
C TYR B 351 13.16 -1.30 12.03
N LEU B 352 12.53 -2.14 12.86
CA LEU B 352 13.16 -2.50 14.12
C LEU B 352 14.36 -3.38 13.89
N VAL B 353 14.18 -4.48 13.14
CA VAL B 353 15.31 -5.32 12.76
C VAL B 353 16.43 -4.47 12.18
N VAL B 354 16.09 -3.33 11.60
CA VAL B 354 17.09 -2.42 11.08
C VAL B 354 17.78 -1.66 12.20
N VAL B 355 17.01 -1.16 13.16
CA VAL B 355 17.52 -0.27 14.20
C VAL B 355 18.35 -1.02 15.22
N ILE B 356 17.75 -1.97 15.92
CA ILE B 356 18.44 -2.58 17.06
C ILE B 356 19.55 -3.51 16.59
N GLY B 357 19.31 -4.24 15.50
CA GLY B 357 20.37 -4.96 14.85
C GLY B 357 20.80 -6.22 15.60
N LEU B 358 21.85 -6.84 15.06
CA LEU B 358 22.31 -8.14 15.55
C LEU B 358 23.74 -8.11 16.07
N GLU B 359 24.48 -7.03 15.87
CA GLU B 359 25.81 -6.95 16.47
C GLU B 359 25.74 -7.12 17.98
N ASN B 360 24.58 -6.87 18.58
CA ASN B 360 24.42 -6.98 20.02
C ASN B 360 24.47 -8.43 20.49
N VAL B 361 24.61 -9.39 19.58
CA VAL B 361 24.65 -10.80 19.95
C VAL B 361 25.92 -11.45 19.41
N LEU B 362 26.53 -10.83 18.41
CA LEU B 362 27.79 -11.35 17.87
C LEU B 362 29.00 -10.72 18.52
N VAL B 363 28.89 -9.47 18.97
CA VAL B 363 29.93 -8.87 19.78
C VAL B 363 30.37 -9.82 20.88
N LEU B 364 29.43 -10.57 21.46
CA LEU B 364 29.75 -11.54 22.49
C LEU B 364 30.06 -12.91 21.93
N THR B 365 29.44 -13.29 20.81
CA THR B 365 29.74 -14.58 20.19
C THR B 365 31.21 -14.70 19.86
N LYS B 366 31.74 -13.74 19.09
CA LYS B 366 33.17 -13.77 18.77
C LYS B 366 34.02 -13.75 20.04
N SER B 367 33.53 -13.05 21.06
CA SER B 367 34.24 -13.00 22.38
C SER B 367 34.28 -14.40 22.98
N VAL B 368 33.25 -15.22 22.71
CA VAL B 368 33.19 -16.58 23.23
C VAL B 368 34.15 -17.48 22.46
N VAL B 369 33.95 -17.59 21.15
CA VAL B 369 34.81 -18.49 20.38
C VAL B 369 36.25 -18.03 20.45
N SER B 370 36.50 -16.73 20.65
CA SER B 370 37.86 -16.24 20.83
C SER B 370 38.51 -16.78 22.09
N THR B 371 37.68 -17.24 23.04
CA THR B 371 38.18 -17.73 24.36
C THR B 371 39.01 -19.01 24.19
N PRO B 372 39.80 -19.41 25.22
CA PRO B 372 40.59 -20.64 25.15
C PRO B 372 39.70 -21.86 24.98
N VAL B 373 40.28 -22.90 24.38
CA VAL B 373 39.59 -24.18 24.24
C VAL B 373 39.74 -24.93 25.55
N ASP B 374 38.78 -24.73 26.45
CA ASP B 374 38.80 -25.41 27.75
C ASP B 374 37.58 -26.32 27.83
N LEU B 375 37.59 -27.19 28.83
CA LEU B 375 36.46 -28.07 29.06
C LEU B 375 35.42 -27.36 29.93
N GLU B 376 34.20 -27.91 29.94
CA GLU B 376 33.12 -27.29 30.68
C GLU B 376 32.88 -25.88 30.16
N VAL B 377 32.37 -25.76 28.94
CA VAL B 377 32.05 -24.47 28.35
C VAL B 377 31.39 -23.52 29.33
N LYS B 378 30.65 -24.06 30.30
CA LYS B 378 30.10 -23.23 31.38
C LYS B 378 31.15 -22.25 31.91
N LEU B 379 32.42 -22.62 31.84
CA LEU B 379 33.51 -21.74 32.26
C LEU B 379 33.97 -20.79 31.17
N ARG B 380 34.05 -21.26 29.92
CA ARG B 380 34.48 -20.42 28.82
C ARG B 380 33.53 -19.24 28.62
N ILE B 381 32.23 -19.53 28.63
CA ILE B 381 31.24 -18.49 28.41
C ILE B 381 31.19 -17.56 29.61
N ALA B 382 31.27 -18.11 30.83
CA ALA B 382 31.32 -17.26 32.01
C ALA B 382 32.60 -16.45 32.04
N GLN B 383 33.58 -16.79 31.20
CA GLN B 383 34.79 -16.00 31.11
C GLN B 383 34.65 -14.86 30.10
N GLY B 384 34.02 -15.13 28.97
CA GLY B 384 33.91 -14.12 27.92
C GLY B 384 32.67 -13.24 27.99
N LEU B 385 31.51 -13.89 28.03
CA LEU B 385 30.26 -13.18 28.22
C LEU B 385 30.33 -12.29 29.45
N SER B 386 30.94 -12.79 30.52
CA SER B 386 31.09 -12.01 31.73
C SER B 386 31.83 -10.70 31.44
N SER B 387 32.83 -10.77 30.55
CA SER B 387 33.65 -9.59 30.18
C SER B 387 32.87 -8.62 29.29
N GLU B 388 31.99 -9.12 28.42
CA GLU B 388 31.25 -8.25 27.51
C GLU B 388 29.95 -7.72 28.11
N SER B 389 29.54 -8.26 29.26
CA SER B 389 28.35 -7.76 29.94
C SER B 389 28.35 -6.24 30.10
N TRP B 390 29.47 -5.68 30.55
CA TRP B 390 29.50 -4.24 30.77
C TRP B 390 29.11 -3.49 29.52
N SER B 391 29.75 -3.79 28.39
CA SER B 391 29.46 -3.08 27.16
C SER B 391 28.02 -3.32 26.70
N ILE B 392 27.49 -4.53 26.88
CA ILE B 392 26.13 -4.75 26.41
C ILE B 392 25.17 -3.86 27.20
N MET B 393 25.38 -3.74 28.51
CA MET B 393 24.50 -2.90 29.30
C MET B 393 24.61 -1.44 28.90
N LYS B 394 25.81 -0.99 28.56
CA LYS B 394 26.01 0.39 28.13
C LYS B 394 25.26 0.66 26.83
N ASN B 395 25.41 -0.24 25.85
CA ASN B 395 24.70 -0.07 24.59
C ASN B 395 23.19 -0.04 24.83
N MET B 396 22.69 -0.93 25.69
CA MET B 396 21.27 -0.93 26.01
C MET B 396 20.83 0.41 26.57
N ALA B 397 21.54 0.92 27.57
CA ALA B 397 21.14 2.17 28.18
C ALA B 397 21.18 3.31 27.18
N THR B 398 22.14 3.27 26.25
CA THR B 398 22.15 4.25 25.17
C THR B 398 20.86 4.19 24.36
N GLU B 399 20.52 3.01 23.85
CA GLU B 399 19.29 2.85 23.09
C GLU B 399 18.08 3.36 23.87
N LEU B 400 18.03 3.08 25.17
CA LEU B 400 16.89 3.51 25.96
C LEU B 400 16.87 5.03 26.12
N GLY B 401 18.02 5.66 26.30
CA GLY B 401 18.05 7.10 26.26
C GLY B 401 17.44 7.65 24.98
N ILE B 402 17.87 7.12 23.84
CA ILE B 402 17.30 7.52 22.56
C ILE B 402 15.79 7.41 22.60
N ILE B 403 15.27 6.23 22.94
CA ILE B 403 13.84 5.99 22.78
C ILE B 403 13.03 6.79 23.79
N LEU B 404 13.60 7.02 24.98
CA LEU B 404 12.92 7.83 25.97
C LEU B 404 12.80 9.27 25.50
N ILE B 405 13.82 9.75 24.79
CA ILE B 405 13.70 11.08 24.19
C ILE B 405 12.51 11.12 23.25
N GLY B 406 12.41 10.12 22.35
CA GLY B 406 11.27 10.07 21.46
C GLY B 406 9.94 10.07 22.19
N TYR B 407 9.74 9.14 23.12
CA TYR B 407 8.46 9.10 23.81
C TYR B 407 8.17 10.40 24.55
N PHE B 408 9.21 11.09 25.01
CA PHE B 408 8.99 12.35 25.70
C PHE B 408 8.27 13.35 24.82
N THR B 409 8.44 13.19 23.50
CA THR B 409 7.75 14.07 22.52
C THR B 409 6.25 13.80 22.59
N LEU B 410 5.42 14.85 22.42
CA LEU B 410 3.97 14.71 22.49
C LEU B 410 3.36 14.24 21.18
N VAL B 411 4.14 14.09 20.12
CA VAL B 411 3.60 13.54 18.88
C VAL B 411 3.08 12.14 19.15
N PRO B 412 1.85 11.80 18.73
CA PRO B 412 1.25 10.55 19.18
C PRO B 412 1.71 9.32 18.41
N ALA B 413 1.90 9.46 17.10
CA ALA B 413 2.26 8.31 16.30
C ALA B 413 3.64 7.80 16.65
N ILE B 414 4.50 8.68 17.16
CA ILE B 414 5.80 8.27 17.63
C ILE B 414 5.70 7.75 19.06
N GLN B 415 4.87 8.40 19.89
CA GLN B 415 4.58 7.86 21.20
C GLN B 415 3.98 6.46 21.10
N GLU B 416 3.57 6.05 19.90
CA GLU B 416 3.23 4.65 19.66
C GLU B 416 4.48 3.84 19.35
N PHE B 417 5.17 4.18 18.27
CA PHE B 417 6.27 3.35 17.77
C PHE B 417 7.36 3.15 18.82
N CYS B 418 7.64 4.19 19.60
CA CYS B 418 8.64 4.08 20.64
C CYS B 418 8.36 2.91 21.57
N LEU B 419 7.09 2.52 21.68
CA LEU B 419 6.73 1.46 22.62
C LEU B 419 6.98 0.09 22.01
N PHE B 420 6.56 -0.12 20.77
CA PHE B 420 7.09 -1.24 19.99
C PHE B 420 8.58 -1.38 20.24
N ALA B 421 9.31 -0.28 20.11
CA ALA B 421 10.75 -0.34 20.25
C ALA B 421 11.16 -0.83 21.63
N VAL B 422 10.82 -0.05 22.67
CA VAL B 422 11.26 -0.39 24.03
C VAL B 422 10.93 -1.83 24.36
N VAL B 423 9.76 -2.32 23.95
CA VAL B 423 9.41 -3.68 24.32
C VAL B 423 10.27 -4.67 23.56
N GLY B 424 10.42 -4.48 22.25
CA GLY B 424 11.25 -5.38 21.48
C GLY B 424 12.66 -5.43 22.05
N LEU B 425 13.12 -4.29 22.53
CA LEU B 425 14.49 -4.17 23.01
C LEU B 425 14.66 -4.92 24.32
N VAL B 426 13.87 -4.55 25.32
CA VAL B 426 13.97 -5.23 26.61
C VAL B 426 13.76 -6.72 26.43
N SER B 427 12.95 -7.12 25.45
CA SER B 427 12.71 -8.54 25.25
C SER B 427 13.93 -9.22 24.65
N ASP B 428 14.47 -8.63 23.58
CA ASP B 428 15.70 -9.16 22.99
C ASP B 428 16.74 -9.36 24.07
N PHE B 429 16.83 -8.44 25.03
CA PHE B 429 17.86 -8.54 26.04
C PHE B 429 17.53 -9.61 27.07
N PHE B 430 16.40 -9.48 27.75
CA PHE B 430 15.99 -10.44 28.76
C PHE B 430 15.84 -11.85 28.20
N LEU B 431 15.87 -12.00 26.88
CA LEU B 431 15.75 -13.32 26.25
C LEU B 431 17.07 -13.87 25.77
N GLN B 432 17.86 -13.07 25.05
CA GLN B 432 19.04 -13.61 24.37
C GLN B 432 19.94 -14.35 25.33
N MET B 433 20.12 -13.83 26.55
CA MET B 433 20.96 -14.47 27.53
C MET B 433 20.44 -15.84 27.93
N LEU B 434 19.22 -16.18 27.53
CA LEU B 434 18.54 -17.41 27.92
C LEU B 434 18.52 -18.45 26.82
N PHE B 435 18.13 -18.08 25.62
CA PHE B 435 17.93 -19.02 24.52
C PHE B 435 19.19 -19.18 23.68
N PHE B 436 19.69 -18.07 23.13
CA PHE B 436 20.91 -18.14 22.32
C PHE B 436 22.08 -18.64 23.15
N THR B 437 22.22 -18.12 24.37
CA THR B 437 23.28 -18.57 25.25
C THR B 437 23.27 -20.09 25.39
N THR B 438 22.08 -20.68 25.53
CA THR B 438 21.96 -22.11 25.70
C THR B 438 22.22 -22.86 24.40
N VAL B 439 21.79 -22.29 23.28
CA VAL B 439 22.13 -22.89 22.00
C VAL B 439 23.63 -23.03 21.87
N LEU B 440 24.36 -21.96 22.17
CA LEU B 440 25.82 -22.04 22.10
C LEU B 440 26.37 -23.10 23.05
N SER B 441 25.80 -23.20 24.25
CA SER B 441 26.27 -24.19 25.20
C SER B 441 26.18 -25.58 24.60
N ILE B 442 24.98 -25.99 24.21
CA ILE B 442 24.81 -27.34 23.68
C ILE B 442 25.59 -27.51 22.38
N ASP B 443 25.74 -26.43 21.62
CA ASP B 443 26.46 -26.51 20.35
C ASP B 443 27.90 -26.90 20.60
N ILE B 444 28.62 -26.09 21.36
CA ILE B 444 30.03 -26.42 21.60
C ILE B 444 30.15 -27.69 22.43
N ARG B 445 29.12 -28.05 23.19
CA ARG B 445 29.12 -29.36 23.83
C ARG B 445 29.26 -30.46 22.80
N ARG B 446 28.27 -30.56 21.91
CA ARG B 446 28.30 -31.58 20.87
C ARG B 446 29.53 -31.41 19.97
N MET B 447 30.11 -30.21 19.93
CA MET B 447 31.20 -29.95 19.01
C MET B 447 32.53 -30.46 19.57
N GLU B 448 32.95 -29.94 20.72
CA GLU B 448 34.18 -30.41 21.33
C GLU B 448 34.06 -31.87 21.75
N LEU B 449 32.84 -32.37 21.94
CA LEU B 449 32.65 -33.79 22.22
C LEU B 449 32.65 -34.61 20.95
N ALA B 450 32.18 -34.05 19.84
CA ALA B 450 32.09 -34.81 18.60
C ALA B 450 31.86 -33.89 17.39
N ARG B 514 18.65 -34.94 19.07
CA ARG B 514 19.15 -33.61 18.71
C ARG B 514 18.05 -32.57 18.83
N LEU B 515 17.50 -32.43 20.04
CA LEU B 515 16.43 -31.46 20.26
C LEU B 515 16.87 -30.06 19.88
N ALA B 516 18.16 -29.76 19.95
CA ALA B 516 18.63 -28.41 19.68
C ALA B 516 18.29 -27.98 18.27
N GLN B 517 18.84 -28.67 17.27
CA GLN B 517 18.64 -28.23 15.89
C GLN B 517 17.18 -28.37 15.47
N ARG B 518 16.47 -29.33 16.05
CA ARG B 518 15.06 -29.49 15.71
C ARG B 518 14.23 -28.33 16.24
N LEU B 519 14.42 -27.96 17.50
CA LEU B 519 13.74 -26.80 18.05
C LEU B 519 14.14 -25.54 17.30
N ILE B 520 15.38 -25.48 16.81
CA ILE B 520 15.81 -24.34 16.02
C ILE B 520 15.01 -24.27 14.73
N MET B 521 14.93 -25.39 14.01
CA MET B 521 14.13 -25.44 12.78
C MET B 521 12.68 -25.06 13.07
N ALA B 522 12.15 -25.46 14.23
CA ALA B 522 10.76 -25.13 14.54
C ALA B 522 10.60 -23.65 14.81
N GLY B 523 11.53 -23.05 15.55
CA GLY B 523 11.50 -21.61 15.73
C GLY B 523 11.57 -20.88 14.41
N THR B 524 12.39 -21.38 13.49
CA THR B 524 12.50 -20.76 12.18
C THR B 524 11.21 -20.92 11.39
N VAL B 525 10.52 -22.05 11.56
CA VAL B 525 9.23 -22.24 10.91
C VAL B 525 8.22 -21.24 11.45
N VAL B 526 8.21 -21.05 12.78
CA VAL B 526 7.33 -20.05 13.37
C VAL B 526 7.66 -18.66 12.84
N TRP B 527 8.94 -18.36 12.68
CA TRP B 527 9.34 -17.07 12.14
C TRP B 527 8.84 -16.89 10.72
N ILE B 528 9.13 -17.85 9.84
CA ILE B 528 8.68 -17.75 8.47
C ILE B 528 7.16 -17.70 8.40
N GLY B 529 6.48 -18.29 9.39
CA GLY B 529 5.03 -18.21 9.43
C GLY B 529 4.56 -16.81 9.75
N ILE B 530 5.07 -16.23 10.82
CA ILE B 530 4.73 -14.84 11.14
C ILE B 530 5.14 -13.92 10.00
N LEU B 531 6.07 -14.37 9.16
CA LEU B 531 6.45 -13.57 7.99
C LEU B 531 5.40 -13.66 6.91
N VAL B 532 5.02 -14.88 6.52
CA VAL B 532 3.92 -15.07 5.58
C VAL B 532 2.63 -14.45 6.12
N TYR B 533 2.61 -14.15 7.41
CA TYR B 533 1.50 -13.41 8.03
C TYR B 533 1.73 -11.92 7.99
N THR B 534 2.46 -11.44 6.98
CA THR B 534 2.65 -10.02 6.72
C THR B 534 1.44 -9.39 6.05
N ASP B 535 0.43 -10.19 5.74
CA ASP B 535 -0.80 -9.71 5.12
C ASP B 535 -1.49 -8.70 6.03
N PRO B 536 -1.21 -8.72 7.33
CA PRO B 536 -1.84 -7.74 8.23
C PRO B 536 -1.77 -6.32 7.72
N ALA B 537 -0.86 -6.01 6.80
CA ALA B 537 -0.83 -4.70 6.17
C ALA B 537 -1.38 -4.77 4.74
N GLY B 538 -1.51 -5.96 4.19
CA GLY B 538 -2.15 -6.13 2.90
C GLY B 538 -3.66 -6.08 2.98
N LEU B 539 -4.19 -5.08 3.69
CA LEU B 539 -5.63 -4.94 3.87
C LEU B 539 -5.98 -3.52 4.27
N TRP B 625 -29.22 -9.88 -12.72
CA TRP B 625 -28.47 -8.75 -12.19
C TRP B 625 -26.96 -9.00 -12.19
N ARG B 626 -26.51 -10.09 -11.56
CA ARG B 626 -25.09 -10.24 -11.35
C ARG B 626 -24.32 -10.47 -12.64
N LYS B 627 -25.01 -10.63 -13.76
CA LYS B 627 -24.34 -10.75 -15.05
C LYS B 627 -23.63 -9.47 -15.47
N LEU B 628 -23.80 -8.40 -14.72
CA LEU B 628 -23.16 -7.13 -15.05
C LEU B 628 -21.65 -7.23 -14.81
N SER B 629 -20.95 -6.17 -15.15
CA SER B 629 -19.50 -6.17 -15.08
C SER B 629 -19.06 -6.21 -13.62
N PHE B 630 -17.75 -6.29 -13.42
CA PHE B 630 -17.14 -6.14 -12.10
C PHE B 630 -17.32 -4.74 -11.54
N ARG B 631 -17.51 -3.75 -12.40
CA ARG B 631 -17.46 -2.36 -12.01
C ARG B 631 -18.38 -1.51 -12.87
N HIS B 632 -18.14 -0.21 -12.91
CA HIS B 632 -18.91 0.87 -13.53
C HIS B 632 -20.05 1.31 -12.64
N TRP B 633 -20.24 0.64 -11.52
CA TRP B 633 -21.18 1.15 -10.53
C TRP B 633 -20.55 2.27 -9.72
N PRO B 634 -19.38 2.08 -9.13
CA PRO B 634 -18.73 3.18 -8.42
C PRO B 634 -18.29 4.30 -9.33
N THR B 635 -17.99 3.98 -10.59
CA THR B 635 -17.53 5.01 -11.52
C THR B 635 -18.49 6.20 -11.52
N LEU B 636 -19.78 5.93 -11.70
CA LEU B 636 -20.76 7.01 -11.63
C LEU B 636 -20.50 7.90 -10.43
N PHE B 637 -20.45 7.32 -9.24
CA PHE B 637 -20.26 8.12 -8.04
C PHE B 637 -18.86 8.69 -7.98
N SER B 638 -17.86 7.96 -8.47
CA SER B 638 -16.53 8.52 -8.58
C SER B 638 -16.52 9.83 -9.36
N TYR B 639 -17.46 10.00 -10.28
CA TYR B 639 -17.53 11.19 -11.11
C TYR B 639 -18.12 12.38 -10.37
N TYR B 640 -18.51 12.23 -9.10
CA TYR B 640 -19.22 13.27 -8.38
C TYR B 640 -18.68 13.46 -6.97
N ASN B 641 -17.36 13.37 -6.79
CA ASN B 641 -16.73 13.58 -5.49
C ASN B 641 -17.45 12.76 -4.41
N ILE B 642 -17.79 11.53 -4.77
CA ILE B 642 -18.48 10.64 -3.85
C ILE B 642 -18.04 9.21 -4.15
N THR B 643 -17.54 8.55 -3.11
CA THR B 643 -17.05 7.14 -3.13
C THR B 643 -18.12 6.27 -2.44
N LEU B 644 -18.56 5.17 -3.08
CA LEU B 644 -19.62 4.28 -2.55
C LEU B 644 -19.04 2.98 -1.97
N ALA B 645 -17.73 2.91 -1.76
CA ALA B 645 -17.04 1.70 -1.23
C ALA B 645 -17.58 1.35 0.15
N LYS B 646 -17.74 2.36 1.02
CA LYS B 646 -18.29 2.21 2.40
C LYS B 646 -19.78 1.82 2.34
N ARG B 647 -20.52 2.42 1.41
CA ARG B 647 -21.99 2.25 1.20
C ARG B 647 -22.33 0.94 0.49
N TYR B 648 -23.63 0.63 0.44
CA TYR B 648 -24.23 -0.56 -0.22
C TYR B 648 -25.30 -0.07 -1.19
N ILE B 649 -25.63 -0.85 -2.23
CA ILE B 649 -26.63 -0.48 -3.28
C ILE B 649 -27.61 -1.65 -3.39
N SER B 650 -28.87 -1.37 -3.75
CA SER B 650 -29.90 -2.43 -3.94
C SER B 650 -30.62 -2.27 -5.27
N LEU B 651 -30.97 -3.38 -5.92
CA LEU B 651 -31.64 -3.35 -7.24
C LEU B 651 -32.94 -4.16 -7.22
N LEU B 652 -33.96 -3.65 -7.89
CA LEU B 652 -35.28 -4.32 -8.06
C LEU B 652 -35.61 -4.22 -9.56
N PRO B 653 -36.33 -5.18 -10.18
CA PRO B 653 -36.52 -5.04 -11.63
C PRO B 653 -37.95 -5.18 -12.18
N VAL B 654 -38.18 -4.60 -13.39
CA VAL B 654 -39.49 -4.63 -14.11
C VAL B 654 -39.19 -4.82 -15.62
N ILE B 655 -40.14 -5.37 -16.41
CA ILE B 655 -39.83 -5.65 -17.85
C ILE B 655 -40.86 -5.10 -18.83
N PRO B 656 -40.44 -4.53 -19.99
CA PRO B 656 -41.38 -4.06 -21.02
C PRO B 656 -40.86 -4.23 -22.46
N VAL B 657 -41.45 -5.16 -23.23
CA VAL B 657 -40.80 -5.69 -24.48
C VAL B 657 -41.74 -5.47 -25.67
N THR B 658 -41.27 -5.63 -26.91
CA THR B 658 -42.17 -5.34 -28.07
C THR B 658 -41.91 -6.27 -29.26
N LEU B 659 -42.91 -6.40 -30.17
CA LEU B 659 -42.78 -7.25 -31.39
C LEU B 659 -43.70 -6.67 -32.50
N ARG B 660 -43.27 -6.74 -33.79
CA ARG B 660 -44.01 -6.26 -35.00
C ARG B 660 -43.27 -6.65 -36.30
N LEU B 661 -43.89 -6.41 -37.49
CA LEU B 661 -43.20 -6.58 -38.80
C LEU B 661 -43.44 -5.34 -39.67
#